data_7OZU
#
_entry.id   7OZU
#
loop_
_entity.id
_entity.type
_entity.pdbx_description
1 polymer 'Replicase polyprotein 1ab'
2 polymer 'Non-structural protein 8'
3 polymer 'Non-structural protein 7'
4 polymer 'Product RNA'
5 polymer 'Template RNA'
6 non-polymer 'ZINC ION'
#
loop_
_entity_poly.entity_id
_entity_poly.type
_entity_poly.pdbx_seq_one_letter_code
_entity_poly.pdbx_strand_id
1 'polypeptide(L)'
;SADAQSFLNRVCGVSAARLTPCGTGTSTDVVYRAFDIYNDKVAGFAKFLKTNCCRFQEKDEDDNLIDSYFVVKRHTFSNY
QHEETIYNLLKDCPAVAKHDFFKFRIDGDMVPHISRQRLTKYTMADLVYALRHFDEGNCDTLKEILVTYNCCDDDYFNKK
DWYDFVENPDILRVYANLGERVRQALLKTVQFCDAMRNAGIVGVLTLDNQDLNGNWYDFGDFIQTTPGSGVPVVDSYYSL
LMPILTLTRALTAESHVDTDLTKPYIKWDLLKYDFTEERLKLFDRYFKYWDQTYHPNCVNCLDDRCILHCANFNVLFSTV
FPPTSFGPLVRKIFVDGVPFVVSTGYHFRELGVVHNQDVNLHSSRLSFKELLVYAADPAMHAASGNLLLDKRTTCFSVAA
LTNNVAFQTVKPGNFNKDFYDFAVSKGFFKEGSSVELKHFFFAQDGNAAISDYDYYRYNLPTMCDIRQLLFVVEVVDKYF
DCYDGGCINANQVIVNNLDKSAGFPFNKWGKARLYYDSMSYEDQDALFAYTKRNVIPTITQMNLKYAISAKNRARTVAGV
SICSTMTNRQFHQKLLKSIAATRGATVVIGTSKFYGGWHNMLKTVYSDVENPHLMGWDYPKCDRAMPNMLRIMASLVLAR
KHTTCCSLSHRFYRLANECAQVLSEMVMCGGSLYVKPGGTSSGDATTAYANSVFNICQAVTANVNALLSTDGNKIADKYV
RNLQHRLYECLYRNRDVDTDFVNEFYAYLRKHFSMMILSDDAVVCFNSTYASQGLVASIKNFKSVLYYQNNVFMSEAKCW
TETDLTKGPHEFCSQHTMLVKQGDDYVYLPYPDPSRILGAGCFVDDIVKTDGTLMIERFVSLAIDAYPLTKHPNQEYADV
FHLYLQYIRKLHDELTGHMLDMYSVMLTNDNTSRYWEPEFYEAMYTPHTVLQ
;
A
2 'polypeptide(L)'
;MGSSHHHHHHENLYFQSNAAIASEFSSLPSYAAFATAQEAYEQAVANGDSEVVLKKLKKSLNVAKSEFDRDAAMQRKLEK
MADQAMTQMYKQARSEDKRAKVTSAMQTMLFTMLRKLDNDALNNIINNARDGCVPLNIIPLTTAAKLMVVIPDYNTYKNT
CDGTTFTYASALWEIQQVVDADSKIVQLSEISMDNSPNLAWPLIVTALRANSAVKLQ
;
B
3 'polypeptide(L)'
;SNASKMSDVKCTSVVLLSVLQQLRVESSSKLWAQCVQLHNDILLAKDTTEAFEKMVSLLSVLLSMQGAVDINKLCEEMLD
NRAT
;
C
4 'polyribonucleotide' UUGGUCUCAAUACGGUAUGAGCCUACGCAGUA P
5 'polyribonucleotide' GG(7OK)ACUGCGUAGCUCAUACCGUAUUGAGACCUU T
#
loop_
_chem_comp.id
_chem_comp.type
_chem_comp.name
_chem_comp.formula
7OK RNA linking 'N-hydroxycytidine 5'-(dihydrogen phosphate) tautomer' 'C9 H14 N3 O9 P'
A RNA linking ADENOSINE-5'-MONOPHOSPHATE 'C10 H14 N5 O7 P'
C RNA linking CYTIDINE-5'-MONOPHOSPHATE 'C9 H14 N3 O8 P'
G RNA linking GUANOSINE-5'-MONOPHOSPHATE 'C10 H14 N5 O8 P'
U RNA linking URIDINE-5'-MONOPHOSPHATE 'C9 H13 N2 O9 P'
ZN non-polymer 'ZINC ION' 'Zn 2'
#
# COMPACT_ATOMS: atom_id res chain seq x y z
N VAL A 31 25.14 -4.07 32.61
CA VAL A 31 23.81 -3.56 32.29
C VAL A 31 23.09 -4.50 31.33
N TYR A 32 21.89 -4.10 30.91
CA TYR A 32 21.09 -4.93 30.01
C TYR A 32 21.67 -4.85 28.60
N ARG A 33 22.01 -6.00 28.02
CA ARG A 33 22.57 -6.07 26.69
C ARG A 33 21.84 -7.12 25.88
N ALA A 34 21.71 -6.87 24.58
CA ALA A 34 21.00 -7.80 23.70
C ALA A 34 21.92 -8.93 23.28
N PHE A 35 21.43 -10.16 23.41
CA PHE A 35 22.18 -11.35 23.03
C PHE A 35 21.30 -12.26 22.19
N ASP A 36 21.92 -12.92 21.22
CA ASP A 36 21.29 -13.99 20.44
C ASP A 36 21.82 -15.30 20.99
N ILE A 37 21.04 -15.95 21.85
CA ILE A 37 21.49 -17.11 22.60
C ILE A 37 20.76 -18.34 22.10
N TYR A 38 21.48 -19.44 21.96
CA TYR A 38 20.87 -20.73 21.64
C TYR A 38 21.71 -21.83 22.27
N ASN A 39 21.16 -22.49 23.28
CA ASN A 39 21.83 -23.61 23.94
C ASN A 39 20.77 -24.59 24.39
N ASP A 40 21.15 -25.51 25.29
CA ASP A 40 20.24 -26.55 25.72
C ASP A 40 19.12 -26.03 26.61
N LYS A 41 19.30 -24.84 27.20
CA LYS A 41 18.34 -24.30 28.16
C LYS A 41 17.49 -23.18 27.58
N VAL A 42 18.11 -22.14 27.05
CA VAL A 42 17.40 -20.95 26.58
C VAL A 42 17.72 -20.71 25.12
N ALA A 43 16.77 -20.13 24.40
CA ALA A 43 16.97 -19.77 23.00
C ALA A 43 16.16 -18.53 22.68
N GLY A 44 16.78 -17.56 22.04
CA GLY A 44 16.09 -16.36 21.62
C GLY A 44 17.04 -15.20 21.46
N PHE A 45 16.50 -14.12 20.90
CA PHE A 45 17.20 -12.84 20.74
C PHE A 45 16.61 -11.88 21.76
N ALA A 46 17.26 -11.77 22.91
CA ALA A 46 16.64 -11.12 24.06
C ALA A 46 17.69 -10.35 24.86
N LYS A 47 17.20 -9.50 25.75
CA LYS A 47 18.07 -8.72 26.63
C LYS A 47 18.39 -9.51 27.88
N PHE A 48 19.65 -9.43 28.31
CA PHE A 48 20.13 -10.15 29.48
C PHE A 48 20.99 -9.23 30.33
N LEU A 49 21.07 -9.54 31.62
CA LEU A 49 21.97 -8.85 32.54
C LEU A 49 23.32 -9.54 32.50
N LYS A 50 24.30 -8.88 31.90
CA LYS A 50 25.64 -9.47 31.76
C LYS A 50 26.71 -8.39 31.65
N ARG A 118 40.25 -1.16 19.74
CA ARG A 118 39.67 -1.38 21.06
C ARG A 118 38.20 -1.80 20.95
N LEU A 119 37.64 -2.25 22.06
CA LEU A 119 36.24 -2.67 22.12
C LEU A 119 35.35 -1.47 22.39
N THR A 120 34.38 -1.24 21.52
CA THR A 120 33.42 -0.17 21.71
C THR A 120 32.43 -0.53 22.80
N LYS A 121 31.69 0.47 23.26
CA LYS A 121 30.69 0.24 24.31
C LYS A 121 29.57 -0.66 23.82
N TYR A 122 29.14 -0.48 22.57
CA TYR A 122 28.00 -1.19 22.03
C TYR A 122 28.45 -2.21 20.98
N THR A 123 27.56 -3.13 20.66
CA THR A 123 27.78 -4.15 19.65
C THR A 123 26.70 -4.08 18.58
N MET A 124 26.88 -4.88 17.53
CA MET A 124 25.92 -4.87 16.43
C MET A 124 24.56 -5.40 16.86
N ALA A 125 24.54 -6.35 17.80
CA ALA A 125 23.26 -6.86 18.30
C ALA A 125 22.46 -5.79 19.02
N ASP A 126 23.13 -4.87 19.71
CA ASP A 126 22.41 -3.77 20.34
C ASP A 126 21.71 -2.90 19.31
N LEU A 127 22.42 -2.58 18.22
CA LEU A 127 21.81 -1.80 17.15
C LEU A 127 20.63 -2.54 16.52
N VAL A 128 20.80 -3.84 16.26
CA VAL A 128 19.72 -4.61 15.64
C VAL A 128 18.52 -4.68 16.57
N TYR A 129 18.75 -4.92 17.87
CA TYR A 129 17.65 -4.99 18.83
C TYR A 129 16.96 -3.64 18.95
N ALA A 130 17.72 -2.55 18.98
CA ALA A 130 17.12 -1.22 19.11
C ALA A 130 16.27 -0.88 17.90
N LEU A 131 16.74 -1.24 16.70
CA LEU A 131 15.98 -0.92 15.50
C LEU A 131 14.87 -1.92 15.21
N ARG A 132 14.87 -3.09 15.84
CA ARG A 132 13.82 -4.08 15.64
C ARG A 132 12.74 -4.04 16.72
N HIS A 133 13.15 -3.99 17.98
CA HIS A 133 12.21 -3.86 19.10
C HIS A 133 12.25 -2.39 19.53
N PHE A 134 11.47 -1.57 18.84
CA PHE A 134 11.51 -0.12 18.99
C PHE A 134 10.37 0.34 19.89
N ASP A 135 10.72 1.08 20.94
CA ASP A 135 9.73 1.69 21.84
C ASP A 135 10.16 3.12 22.10
N GLU A 136 9.30 4.07 21.73
CA GLU A 136 9.66 5.48 21.90
C GLU A 136 9.84 5.85 23.37
N GLY A 137 9.20 5.11 24.27
CA GLY A 137 9.39 5.37 25.69
C GLY A 137 10.81 5.07 26.15
N ASN A 138 11.42 4.01 25.62
CA ASN A 138 12.78 3.61 25.97
C ASN A 138 13.56 3.60 24.66
N CYS A 139 14.14 4.74 24.31
CA CYS A 139 14.94 4.89 23.10
C CYS A 139 16.39 5.25 23.41
N ASP A 140 16.85 4.99 24.64
CA ASP A 140 18.18 5.42 25.05
C ASP A 140 19.25 4.81 24.14
N THR A 141 19.37 3.49 24.14
CA THR A 141 20.46 2.84 23.41
C THR A 141 20.51 3.31 21.96
N LEU A 142 19.36 3.46 21.32
CA LEU A 142 19.32 4.02 19.98
C LEU A 142 19.86 5.46 19.96
N LYS A 143 19.57 6.23 21.02
CA LYS A 143 20.02 7.61 21.04
C LYS A 143 21.53 7.71 21.15
N GLU A 144 22.15 6.95 22.07
CA GLU A 144 23.61 6.99 22.10
C GLU A 144 24.24 6.35 20.88
N ILE A 145 23.58 5.38 20.25
CA ILE A 145 24.12 4.81 19.02
C ILE A 145 24.14 5.87 17.92
N LEU A 146 23.04 6.62 17.77
CA LEU A 146 22.99 7.65 16.74
C LEU A 146 23.94 8.80 17.05
N VAL A 147 24.00 9.24 18.30
CA VAL A 147 24.82 10.40 18.65
C VAL A 147 26.30 10.07 18.58
N THR A 148 26.69 8.89 19.05
CA THR A 148 28.11 8.57 19.18
C THR A 148 28.80 8.55 17.82
N TYR A 149 28.13 8.00 16.80
CA TYR A 149 28.72 7.84 15.48
C TYR A 149 28.33 8.96 14.52
N ASN A 150 28.04 10.15 15.06
CA ASN A 150 27.86 11.37 14.28
C ASN A 150 26.74 11.24 13.24
N CYS A 151 25.72 10.43 13.54
CA CYS A 151 24.56 10.35 12.65
C CYS A 151 23.68 11.58 12.79
N CYS A 152 23.69 12.21 13.96
CA CYS A 152 22.93 13.44 14.21
C CYS A 152 23.53 14.09 15.46
N ASP A 153 22.84 15.11 15.96
CA ASP A 153 23.27 15.82 17.15
C ASP A 153 22.28 15.59 18.29
N ASP A 154 22.66 16.03 19.49
CA ASP A 154 21.80 15.84 20.65
C ASP A 154 20.48 16.60 20.49
N ASP A 155 20.54 17.82 19.95
CA ASP A 155 19.34 18.64 19.82
C ASP A 155 18.32 18.04 18.87
N TYR A 156 18.72 17.07 18.04
CA TYR A 156 17.79 16.48 17.09
C TYR A 156 16.66 15.76 17.81
N PHE A 157 16.96 15.05 18.89
CA PHE A 157 15.95 14.27 19.60
C PHE A 157 14.99 15.12 20.40
N ASN A 158 15.37 16.36 20.73
CA ASN A 158 14.43 17.26 21.40
C ASN A 158 13.26 17.62 20.51
N LYS A 159 13.42 17.50 19.19
CA LYS A 159 12.29 17.67 18.28
C LYS A 159 11.28 16.56 18.50
N LYS A 160 10.00 16.92 18.48
CA LYS A 160 8.94 15.94 18.66
C LYS A 160 8.72 15.15 17.37
N ASP A 161 8.38 13.88 17.53
CA ASP A 161 8.13 12.97 16.41
C ASP A 161 9.38 12.80 15.54
N TRP A 162 10.55 12.80 16.18
CA TRP A 162 11.79 12.59 15.43
C TRP A 162 11.87 11.18 14.87
N TYR A 163 11.32 10.19 15.58
CA TYR A 163 11.39 8.81 15.14
C TYR A 163 10.39 8.49 14.03
N ASP A 164 9.28 9.23 13.96
CA ASP A 164 8.24 8.92 12.99
C ASP A 164 8.76 9.07 11.57
N PHE A 165 8.47 8.06 10.74
CA PHE A 165 8.86 8.13 9.33
C PHE A 165 7.97 9.10 8.56
N VAL A 166 6.66 9.04 8.80
CA VAL A 166 5.73 9.89 8.05
C VAL A 166 5.87 11.35 8.48
N GLU A 167 5.94 11.59 9.78
CA GLU A 167 5.97 12.97 10.27
C GLU A 167 7.34 13.61 10.07
N ASN A 168 8.41 12.84 10.21
CA ASN A 168 9.78 13.34 10.06
C ASN A 168 10.52 12.44 9.09
N PRO A 169 10.30 12.61 7.79
CA PRO A 169 11.04 11.81 6.80
C PRO A 169 12.54 12.05 6.83
N ASP A 170 12.99 13.17 7.43
CA ASP A 170 14.41 13.43 7.55
C ASP A 170 15.14 12.36 8.35
N ILE A 171 14.42 11.60 9.18
CA ILE A 171 15.05 10.51 9.91
C ILE A 171 15.61 9.48 8.95
N LEU A 172 15.01 9.34 7.77
CA LEU A 172 15.55 8.43 6.75
C LEU A 172 16.97 8.81 6.38
N ARG A 173 17.30 10.09 6.46
CA ARG A 173 18.69 10.50 6.28
C ARG A 173 19.55 10.10 7.47
N VAL A 174 19.05 10.33 8.68
CA VAL A 174 19.84 10.06 9.88
C VAL A 174 20.23 8.59 9.94
N TYR A 175 19.25 7.70 9.78
CA TYR A 175 19.54 6.28 9.74
C TYR A 175 20.54 5.95 8.65
N ALA A 176 20.43 6.63 7.49
CA ALA A 176 21.33 6.35 6.39
C ALA A 176 22.77 6.66 6.74
N ASN A 177 23.02 7.54 7.72
CA ASN A 177 24.39 7.82 8.12
C ASN A 177 25.05 6.60 8.74
N LEU A 178 24.27 5.70 9.33
CA LEU A 178 24.82 4.43 9.82
C LEU A 178 25.14 3.48 8.68
N GLY A 179 24.49 3.64 7.52
CA GLY A 179 24.52 2.60 6.51
C GLY A 179 25.93 2.20 6.11
N GLU A 180 26.76 3.18 5.78
CA GLU A 180 28.13 2.86 5.37
C GLU A 180 28.85 2.07 6.43
N ARG A 181 28.72 2.49 7.69
CA ARG A 181 29.30 1.72 8.80
C ARG A 181 28.84 0.28 8.73
N VAL A 182 27.52 0.07 8.62
CA VAL A 182 26.99 -1.27 8.51
C VAL A 182 27.64 -2.00 7.34
N ARG A 183 27.75 -1.32 6.20
CA ARG A 183 28.36 -1.92 5.03
C ARG A 183 29.76 -2.42 5.36
N GLN A 184 30.56 -1.60 6.04
CA GLN A 184 31.91 -2.02 6.39
C GLN A 184 31.87 -3.28 7.22
N ALA A 185 30.96 -3.33 8.20
CA ALA A 185 30.81 -4.54 9.01
C ALA A 185 30.64 -5.76 8.12
N LEU A 186 29.73 -5.67 7.15
CA LEU A 186 29.50 -6.80 6.25
C LEU A 186 30.81 -7.28 5.66
N LEU A 187 31.60 -6.36 5.10
CA LEU A 187 32.87 -6.73 4.50
C LEU A 187 33.73 -7.49 5.52
N LYS A 188 33.88 -6.90 6.71
CA LYS A 188 34.71 -7.55 7.72
C LYS A 188 34.19 -8.93 8.04
N THR A 189 32.86 -9.07 8.15
CA THR A 189 32.28 -10.37 8.42
C THR A 189 32.79 -11.40 7.43
N VAL A 190 32.71 -11.07 6.13
CA VAL A 190 33.15 -12.00 5.10
C VAL A 190 34.62 -12.36 5.33
N GLN A 191 35.46 -11.35 5.58
CA GLN A 191 36.86 -11.62 5.85
C GLN A 191 36.99 -12.60 7.00
N PHE A 192 36.27 -12.34 8.10
CA PHE A 192 36.31 -13.24 9.24
C PHE A 192 35.96 -14.66 8.80
N CYS A 193 34.87 -14.80 8.06
CA CYS A 193 34.47 -16.12 7.60
C CYS A 193 35.59 -16.78 6.83
N ASP A 194 36.21 -16.04 5.90
CA ASP A 194 37.31 -16.61 5.14
C ASP A 194 38.42 -17.05 6.06
N ALA A 195 38.76 -16.22 7.04
CA ALA A 195 39.79 -16.59 8.01
C ALA A 195 39.44 -17.91 8.66
N MET A 196 38.19 -18.06 9.12
CA MET A 196 37.79 -19.31 9.74
C MET A 196 37.89 -20.46 8.75
N ARG A 197 37.47 -20.23 7.51
CA ARG A 197 37.59 -21.28 6.50
C ARG A 197 39.05 -21.65 6.27
N ASN A 198 39.96 -20.70 6.45
CA ASN A 198 41.37 -21.01 6.29
C ASN A 198 41.98 -21.64 7.53
N ALA A 199 41.28 -21.61 8.66
CA ALA A 199 41.78 -22.20 9.89
C ALA A 199 41.06 -23.49 10.28
N GLY A 200 40.12 -23.96 9.43
CA GLY A 200 39.39 -25.17 9.74
C GLY A 200 38.55 -25.05 10.98
N ILE A 201 37.81 -23.96 11.10
CA ILE A 201 36.99 -23.68 12.28
C ILE A 201 35.52 -23.78 11.89
N VAL A 202 34.79 -24.63 12.60
CA VAL A 202 33.35 -24.76 12.45
C VAL A 202 32.72 -24.03 13.63
N GLY A 203 32.05 -22.91 13.35
CA GLY A 203 31.46 -22.12 14.41
C GLY A 203 30.21 -21.43 13.94
N VAL A 204 29.47 -20.89 14.91
CA VAL A 204 28.24 -20.15 14.66
C VAL A 204 28.51 -18.68 14.90
N LEU A 205 28.20 -17.84 13.91
CA LEU A 205 28.39 -16.41 14.02
C LEU A 205 27.12 -15.77 14.56
N THR A 206 27.26 -15.01 15.64
CA THR A 206 26.15 -14.31 16.27
C THR A 206 26.37 -12.81 16.18
N LEU A 207 25.27 -12.05 16.19
CA LEU A 207 25.35 -10.60 16.10
C LEU A 207 26.07 -10.01 17.31
N ASP A 208 25.85 -10.58 18.49
CA ASP A 208 26.35 -10.01 19.74
C ASP A 208 27.84 -10.16 19.91
N ASN A 209 28.60 -10.59 18.91
CA ASN A 209 30.05 -10.72 19.03
C ASN A 209 30.81 -9.82 18.08
N GLN A 210 30.14 -8.85 17.44
CA GLN A 210 30.77 -7.93 16.51
C GLN A 210 30.45 -6.51 16.96
N ASP A 211 31.48 -5.77 17.40
CA ASP A 211 31.26 -4.39 17.78
C ASP A 211 30.93 -3.54 16.57
N LEU A 212 30.42 -2.33 16.83
CA LEU A 212 29.94 -1.47 15.75
C LEU A 212 31.06 -0.98 14.84
N ASN A 213 32.33 -1.15 15.22
CA ASN A 213 33.42 -0.91 14.29
C ASN A 213 33.55 -2.00 13.25
N GLY A 214 32.87 -3.13 13.43
CA GLY A 214 32.95 -4.26 12.52
C GLY A 214 33.86 -5.38 12.97
N ASN A 215 34.73 -5.14 13.93
CA ASN A 215 35.66 -6.17 14.39
C ASN A 215 34.92 -7.29 15.11
N TRP A 216 35.45 -8.50 14.98
CA TRP A 216 34.94 -9.66 15.72
C TRP A 216 35.89 -9.93 16.88
N TYR A 217 35.38 -9.79 18.10
CA TYR A 217 36.20 -9.91 19.30
C TYR A 217 35.96 -11.22 20.06
N ASP A 218 35.21 -12.15 19.47
CA ASP A 218 34.87 -13.40 20.14
C ASP A 218 35.36 -14.58 19.31
N PHE A 219 35.79 -15.63 20.00
CA PHE A 219 36.26 -16.85 19.34
C PHE A 219 35.76 -18.10 20.05
N GLY A 220 34.69 -18.00 20.85
CA GLY A 220 34.15 -19.16 21.54
C GLY A 220 33.26 -20.01 20.65
N ASP A 221 32.95 -21.21 21.14
CA ASP A 221 32.10 -22.17 20.43
C ASP A 221 32.69 -22.56 19.08
N PHE A 222 34.01 -22.60 18.99
CA PHE A 222 34.72 -22.91 17.75
C PHE A 222 35.45 -24.24 17.92
N ILE A 223 35.30 -25.12 16.94
CA ILE A 223 35.93 -26.44 16.96
C ILE A 223 36.82 -26.58 15.73
N GLN A 224 38.07 -27.02 15.96
CA GLN A 224 39.00 -27.21 14.87
C GLN A 224 38.55 -28.32 13.95
N THR A 225 38.90 -28.19 12.67
CA THR A 225 38.59 -29.19 11.65
C THR A 225 39.79 -29.23 10.71
N THR A 226 39.66 -29.94 9.59
CA THR A 226 40.71 -29.95 8.59
C THR A 226 40.90 -28.55 8.03
N PRO A 227 42.12 -28.04 7.96
CA PRO A 227 42.34 -26.69 7.43
C PRO A 227 41.82 -26.57 5.99
N GLY A 228 41.20 -25.43 5.70
CA GLY A 228 40.61 -25.21 4.40
C GLY A 228 39.23 -25.80 4.22
N SER A 229 38.59 -26.29 5.29
CA SER A 229 37.30 -26.95 5.17
C SER A 229 36.25 -26.48 6.17
N GLY A 230 36.64 -25.82 7.26
CA GLY A 230 35.68 -25.37 8.25
C GLY A 230 34.62 -24.44 7.70
N VAL A 231 33.36 -24.73 7.95
CA VAL A 231 32.24 -24.00 7.37
C VAL A 231 31.57 -23.18 8.48
N PRO A 232 31.43 -21.86 8.31
CA PRO A 232 30.67 -21.08 9.28
C PRO A 232 29.17 -21.26 9.13
N VAL A 233 28.46 -20.99 10.22
CA VAL A 233 26.99 -20.94 10.23
C VAL A 233 26.60 -19.49 10.41
N VAL A 234 26.01 -18.90 9.36
CA VAL A 234 25.72 -17.47 9.37
C VAL A 234 24.25 -17.22 9.03
N ASP A 235 23.40 -18.21 9.33
CA ASP A 235 21.98 -18.03 9.04
C ASP A 235 21.35 -17.00 9.96
N SER A 236 21.59 -17.12 11.27
CA SER A 236 20.98 -16.20 12.23
C SER A 236 21.56 -14.79 12.09
N TYR A 237 22.87 -14.69 11.89
CA TYR A 237 23.52 -13.39 11.75
C TYR A 237 22.89 -12.59 10.62
N TYR A 238 22.99 -13.10 9.40
CA TYR A 238 22.46 -12.38 8.25
C TYR A 238 20.95 -12.22 8.35
N SER A 239 20.24 -13.25 8.81
CA SER A 239 18.79 -13.18 8.87
C SER A 239 18.33 -12.06 9.79
N LEU A 240 18.95 -11.93 10.96
CA LEU A 240 18.58 -10.84 11.85
C LEU A 240 19.07 -9.50 11.34
N LEU A 241 20.20 -9.48 10.64
CA LEU A 241 20.76 -8.20 10.17
C LEU A 241 20.01 -7.62 8.98
N MET A 242 19.32 -8.46 8.20
CA MET A 242 18.78 -8.04 6.92
C MET A 242 17.93 -6.78 6.95
N PRO A 243 16.95 -6.61 7.85
CA PRO A 243 16.14 -5.38 7.79
C PRO A 243 16.94 -4.10 7.97
N ILE A 244 18.03 -4.16 8.74
CA ILE A 244 18.87 -3.00 8.96
C ILE A 244 19.67 -2.66 7.71
N LEU A 245 19.84 -3.61 6.79
CA LEU A 245 20.58 -3.35 5.56
C LEU A 245 19.86 -2.34 4.68
N THR A 246 18.53 -2.40 4.62
CA THR A 246 17.76 -1.45 3.85
C THR A 246 17.10 -0.36 4.68
N LEU A 247 17.04 -0.52 6.00
CA LEU A 247 16.64 0.61 6.83
C LEU A 247 17.71 1.69 6.83
N THR A 248 18.98 1.30 6.89
CA THR A 248 20.09 2.22 6.88
C THR A 248 20.69 2.42 5.50
N ARG A 249 20.18 1.73 4.48
CA ARG A 249 20.69 1.83 3.11
C ARG A 249 22.19 1.60 3.05
N ALA A 250 22.59 0.37 3.42
CA ALA A 250 24.02 0.06 3.53
C ALA A 250 24.69 -0.02 2.17
N LEU A 251 23.96 -0.38 1.12
CA LEU A 251 24.56 -0.65 -0.18
C LEU A 251 24.59 0.56 -1.10
N THR A 252 24.21 1.75 -0.60
CA THR A 252 24.22 2.93 -1.44
C THR A 252 25.63 3.25 -1.97
N ALA A 253 26.66 2.90 -1.19
CA ALA A 253 28.03 3.12 -1.63
C ALA A 253 28.40 2.29 -2.85
N GLU A 254 27.60 1.28 -3.19
CA GLU A 254 27.80 0.52 -4.42
C GLU A 254 27.38 1.30 -5.67
N SER A 255 26.71 2.42 -5.51
CA SER A 255 26.28 3.21 -6.66
C SER A 255 27.38 4.10 -7.23
N HIS A 256 28.52 4.18 -6.57
CA HIS A 256 29.61 5.05 -6.99
C HIS A 256 30.75 4.24 -7.57
N VAL A 257 31.58 4.90 -8.38
CA VAL A 257 32.73 4.23 -8.99
C VAL A 257 33.72 3.84 -7.90
N ASP A 258 34.24 2.61 -7.99
CA ASP A 258 35.15 2.03 -7.01
C ASP A 258 34.52 1.92 -5.62
N THR A 259 33.19 1.99 -5.55
CA THR A 259 32.44 1.87 -4.29
C THR A 259 32.96 2.86 -3.25
N ASP A 260 33.20 4.09 -3.67
CA ASP A 260 33.73 5.14 -2.81
C ASP A 260 32.73 6.30 -2.76
N LEU A 261 32.42 6.76 -1.55
CA LEU A 261 31.41 7.79 -1.39
C LEU A 261 31.84 9.11 -2.04
N THR A 262 33.12 9.46 -1.91
CA THR A 262 33.59 10.74 -2.44
C THR A 262 33.55 10.78 -3.96
N LYS A 263 33.75 9.64 -4.62
CA LYS A 263 33.78 9.61 -6.07
C LYS A 263 32.38 9.76 -6.65
N PRO A 264 32.27 10.20 -7.91
CA PRO A 264 30.93 10.41 -8.51
C PRO A 264 30.18 9.11 -8.76
N TYR A 265 28.97 9.23 -9.30
CA TYR A 265 28.13 8.08 -9.55
C TYR A 265 28.68 7.24 -10.71
N ILE A 266 28.24 5.99 -10.78
CA ILE A 266 28.52 5.15 -11.94
C ILE A 266 27.54 5.51 -13.04
N LYS A 267 28.07 5.79 -14.23
CA LYS A 267 27.23 6.10 -15.38
C LYS A 267 26.92 4.80 -16.10
N TRP A 268 25.90 4.10 -15.62
CA TRP A 268 25.46 2.86 -16.26
C TRP A 268 24.95 3.15 -17.66
N ASP A 269 25.17 2.19 -18.56
CA ASP A 269 24.65 2.31 -19.91
C ASP A 269 23.14 2.48 -19.87
N LEU A 270 22.64 3.45 -20.64
CA LEU A 270 21.21 3.76 -20.60
C LEU A 270 20.37 2.62 -21.16
N LEU A 271 20.92 1.85 -22.09
CA LEU A 271 20.20 0.74 -22.71
C LEU A 271 20.31 -0.56 -21.92
N LYS A 272 21.15 -0.60 -20.88
CA LYS A 272 21.37 -1.83 -20.14
C LYS A 272 20.16 -2.18 -19.29
N TYR A 273 19.74 -3.44 -19.35
CA TYR A 273 18.63 -3.93 -18.54
C TYR A 273 18.91 -5.25 -17.84
N ASP A 274 19.88 -6.04 -18.29
CA ASP A 274 20.21 -7.32 -17.69
C ASP A 274 21.39 -7.11 -16.75
N PHE A 275 21.10 -6.99 -15.45
CA PHE A 275 22.10 -6.74 -14.43
C PHE A 275 22.49 -7.99 -13.67
N THR A 276 22.33 -9.16 -14.27
CA THR A 276 22.51 -10.42 -13.55
C THR A 276 23.93 -10.56 -13.01
N GLU A 277 24.94 -10.26 -13.83
CA GLU A 277 26.33 -10.41 -13.38
C GLU A 277 26.63 -9.49 -12.20
N GLU A 278 26.07 -8.28 -12.22
CA GLU A 278 26.25 -7.37 -11.08
C GLU A 278 25.59 -7.93 -9.82
N ARG A 279 24.43 -8.59 -9.97
CA ARG A 279 23.80 -9.21 -8.82
C ARG A 279 24.65 -10.35 -8.27
N LEU A 280 25.25 -11.16 -9.16
CA LEU A 280 26.18 -12.18 -8.69
C LEU A 280 27.35 -11.57 -7.93
N LYS A 281 27.92 -10.49 -8.46
CA LYS A 281 29.05 -9.85 -7.77
C LYS A 281 28.63 -9.30 -6.41
N LEU A 282 27.46 -8.68 -6.35
CA LEU A 282 26.96 -8.14 -5.08
C LEU A 282 26.74 -9.25 -4.06
N PHE A 283 26.15 -10.37 -4.49
CA PHE A 283 25.98 -11.49 -3.59
C PHE A 283 27.31 -12.10 -3.18
N ASP A 284 28.32 -12.03 -4.05
CA ASP A 284 29.59 -12.65 -3.75
C ASP A 284 30.40 -11.82 -2.76
N ARG A 285 30.34 -10.48 -2.84
CA ARG A 285 31.10 -9.69 -1.89
C ARG A 285 30.46 -9.69 -0.50
N TYR A 286 29.13 -9.56 -0.43
CA TYR A 286 28.48 -9.35 0.86
C TYR A 286 28.00 -10.66 1.49
N PHE A 287 27.10 -11.37 0.81
CA PHE A 287 26.56 -12.64 1.33
C PHE A 287 27.28 -13.82 0.69
N LYS A 288 28.60 -13.91 0.96
CA LYS A 288 29.39 -14.96 0.32
C LYS A 288 29.06 -16.32 0.89
N TYR A 289 28.87 -16.43 2.20
CA TYR A 289 28.69 -17.71 2.87
C TYR A 289 27.23 -18.00 3.20
N TRP A 290 26.30 -17.28 2.60
CA TRP A 290 24.89 -17.66 2.64
C TRP A 290 24.71 -18.83 1.69
N ASP A 291 24.75 -20.05 2.25
CA ASP A 291 24.95 -21.25 1.43
C ASP A 291 23.74 -21.62 0.59
N GLN A 292 22.55 -21.09 0.90
CA GLN A 292 21.39 -21.36 0.06
C GLN A 292 21.58 -20.71 -1.31
N THR A 293 21.17 -21.43 -2.36
CA THR A 293 21.40 -20.98 -3.72
C THR A 293 20.56 -19.74 -4.02
N TYR A 294 21.15 -18.79 -4.73
CA TYR A 294 20.50 -17.53 -5.06
C TYR A 294 20.39 -17.41 -6.58
N HIS A 295 19.17 -17.25 -7.07
CA HIS A 295 18.91 -17.08 -8.49
C HIS A 295 18.49 -15.65 -8.76
N PRO A 296 19.33 -14.83 -9.42
CA PRO A 296 18.94 -13.44 -9.65
C PRO A 296 17.65 -13.29 -10.44
N ASN A 297 17.42 -14.14 -11.43
CA ASN A 297 16.17 -14.16 -12.18
C ASN A 297 15.29 -15.25 -11.57
N CYS A 298 14.19 -14.84 -10.95
CA CYS A 298 13.32 -15.78 -10.24
C CYS A 298 12.61 -16.76 -11.17
N VAL A 299 12.87 -16.69 -12.47
CA VAL A 299 12.36 -17.71 -13.39
C VAL A 299 12.96 -19.07 -13.02
N ASN A 300 14.16 -19.06 -12.45
CA ASN A 300 14.94 -20.27 -12.19
C ASN A 300 14.82 -20.72 -10.74
N CYS A 301 13.65 -20.56 -10.12
CA CYS A 301 13.46 -20.88 -8.72
C CYS A 301 12.77 -22.23 -8.57
N LEU A 302 13.09 -22.92 -7.47
CA LEU A 302 12.59 -24.27 -7.25
C LEU A 302 11.11 -24.28 -6.85
N ASP A 303 10.70 -23.38 -5.97
CA ASP A 303 9.32 -23.35 -5.48
C ASP A 303 9.05 -21.97 -4.89
N ASP A 304 7.92 -21.86 -4.18
CA ASP A 304 7.51 -20.57 -3.63
C ASP A 304 8.52 -20.03 -2.63
N ARG A 305 9.05 -20.92 -1.77
CA ARG A 305 10.01 -20.47 -0.77
C ARG A 305 11.28 -19.95 -1.41
N CYS A 306 11.75 -20.63 -2.47
CA CYS A 306 12.91 -20.14 -3.20
C CYS A 306 12.61 -18.81 -3.86
N ILE A 307 11.39 -18.63 -4.37
CA ILE A 307 11.01 -17.35 -4.96
C ILE A 307 11.07 -16.25 -3.91
N LEU A 308 10.56 -16.52 -2.70
CA LEU A 308 10.60 -15.52 -1.64
C LEU A 308 12.04 -15.18 -1.27
N HIS A 309 12.89 -16.19 -1.14
CA HIS A 309 14.28 -15.95 -0.76
C HIS A 309 15.01 -15.13 -1.81
N CYS A 310 14.88 -15.51 -3.09
CA CYS A 310 15.56 -14.78 -4.15
C CYS A 310 15.01 -13.37 -4.31
N ALA A 311 13.70 -13.20 -4.18
CA ALA A 311 13.13 -11.86 -4.25
C ALA A 311 13.60 -11.00 -3.09
N ASN A 312 13.75 -11.59 -1.91
CA ASN A 312 14.27 -10.85 -0.77
C ASN A 312 15.68 -10.35 -1.05
N PHE A 313 16.51 -11.18 -1.66
CA PHE A 313 17.85 -10.71 -2.02
C PHE A 313 17.79 -9.64 -3.11
N ASN A 314 16.92 -9.82 -4.11
CA ASN A 314 16.86 -8.88 -5.22
C ASN A 314 16.36 -7.51 -4.80
N VAL A 315 15.47 -7.45 -3.80
CA VAL A 315 14.98 -6.15 -3.34
C VAL A 315 16.13 -5.30 -2.81
N LEU A 316 17.04 -5.91 -2.05
CA LEU A 316 18.23 -5.19 -1.62
C LEU A 316 19.14 -4.89 -2.80
N PHE A 317 19.31 -5.84 -3.70
CA PHE A 317 20.26 -5.65 -4.81
C PHE A 317 19.73 -4.72 -5.89
N SER A 318 18.45 -4.39 -5.90
CA SER A 318 17.89 -3.52 -6.92
C SER A 318 18.02 -2.04 -6.59
N THR A 319 18.47 -1.69 -5.40
CA THR A 319 18.63 -0.28 -5.05
C THR A 319 19.84 0.34 -5.74
N VAL A 320 20.87 -0.47 -6.04
CA VAL A 320 22.08 0.05 -6.65
C VAL A 320 21.83 0.47 -8.08
N PHE A 321 21.02 -0.29 -8.81
CA PHE A 321 20.86 -0.10 -10.24
C PHE A 321 19.96 1.10 -10.55
N PRO A 322 20.12 1.71 -11.73
CA PRO A 322 19.32 2.90 -12.04
C PRO A 322 17.85 2.56 -12.16
N PRO A 323 16.95 3.49 -11.85
CA PRO A 323 15.52 3.20 -11.90
C PRO A 323 14.92 3.24 -13.29
N THR A 324 15.66 3.71 -14.30
CA THR A 324 15.13 3.71 -15.67
C THR A 324 15.17 2.32 -16.28
N SER A 325 16.02 1.42 -15.77
CA SER A 325 16.14 0.09 -16.33
C SER A 325 14.98 -0.82 -15.94
N PHE A 326 14.33 -0.53 -14.81
CA PHE A 326 13.21 -1.36 -14.36
C PHE A 326 11.93 -0.97 -15.09
N GLY A 327 11.21 -1.97 -15.58
CA GLY A 327 10.01 -1.74 -16.34
C GLY A 327 9.95 -2.64 -17.56
N PRO A 328 8.90 -2.50 -18.36
CA PRO A 328 8.75 -3.37 -19.53
C PRO A 328 9.92 -3.22 -20.49
N LEU A 329 10.36 -4.34 -21.06
CA LEU A 329 11.37 -4.36 -22.10
C LEU A 329 10.68 -4.45 -23.45
N VAL A 330 10.96 -3.49 -24.32
CA VAL A 330 10.24 -3.37 -25.58
C VAL A 330 11.12 -3.86 -26.72
N ARG A 331 10.48 -4.17 -27.84
CA ARG A 331 11.14 -4.56 -29.06
C ARG A 331 10.37 -3.99 -30.24
N LYS A 332 11.10 -3.67 -31.30
CA LYS A 332 10.51 -3.15 -32.53
C LYS A 332 10.28 -4.29 -33.49
N ILE A 333 9.02 -4.65 -33.69
CA ILE A 333 8.63 -5.76 -34.54
C ILE A 333 7.89 -5.22 -35.76
N PHE A 334 7.55 -6.12 -36.68
CA PHE A 334 6.89 -5.74 -37.93
C PHE A 334 5.64 -6.60 -38.10
N VAL A 335 4.48 -5.95 -38.14
CA VAL A 335 3.21 -6.63 -38.34
C VAL A 335 2.51 -6.00 -39.53
N ASP A 336 2.07 -6.85 -40.47
CA ASP A 336 1.39 -6.40 -41.68
C ASP A 336 2.23 -5.39 -42.47
N GLY A 337 3.55 -5.49 -42.33
CA GLY A 337 4.44 -4.59 -43.03
C GLY A 337 4.62 -3.23 -42.38
N VAL A 338 4.17 -3.05 -41.14
CA VAL A 338 4.36 -1.76 -40.47
C VAL A 338 5.01 -2.03 -39.11
N PRO A 339 5.92 -1.18 -38.66
CA PRO A 339 6.57 -1.42 -37.36
C PRO A 339 5.65 -1.15 -36.18
N PHE A 340 5.89 -1.90 -35.11
CA PHE A 340 5.24 -1.70 -33.82
C PHE A 340 6.30 -1.80 -32.73
N VAL A 341 6.00 -1.18 -31.59
CA VAL A 341 6.82 -1.31 -30.39
C VAL A 341 6.00 -2.11 -29.38
N VAL A 342 6.43 -3.34 -29.09
CA VAL A 342 5.70 -4.23 -28.21
C VAL A 342 6.63 -4.74 -27.13
N SER A 343 6.12 -4.84 -25.91
CA SER A 343 6.93 -5.34 -24.81
C SER A 343 7.15 -6.84 -24.97
N THR A 344 8.42 -7.25 -24.89
CA THR A 344 8.78 -8.66 -24.99
C THR A 344 9.49 -9.10 -23.72
N GLY A 345 8.97 -8.70 -22.58
CA GLY A 345 9.56 -9.07 -21.31
C GLY A 345 9.20 -8.05 -20.24
N TYR A 346 9.91 -8.15 -19.13
CA TYR A 346 9.75 -7.21 -18.03
C TYR A 346 10.99 -7.31 -17.15
N HIS A 347 11.23 -6.27 -16.37
CA HIS A 347 12.38 -6.23 -15.47
C HIS A 347 11.89 -5.82 -14.09
N PHE A 348 11.57 -6.82 -13.26
CA PHE A 348 11.14 -6.58 -11.89
C PHE A 348 12.34 -6.35 -10.99
N ARG A 349 12.20 -5.39 -10.08
CA ARG A 349 13.25 -5.15 -9.10
C ARG A 349 13.48 -6.36 -8.22
N GLU A 350 12.46 -7.18 -8.02
CA GLU A 350 12.50 -8.36 -7.17
C GLU A 350 12.61 -9.66 -7.92
N LEU A 351 11.94 -9.79 -9.06
CA LEU A 351 11.95 -11.02 -9.83
C LEU A 351 12.94 -11.01 -10.98
N GLY A 352 13.75 -9.95 -11.13
CA GLY A 352 14.74 -9.96 -12.18
C GLY A 352 14.13 -9.82 -13.56
N VAL A 353 14.84 -10.34 -14.56
CA VAL A 353 14.40 -10.24 -15.94
C VAL A 353 13.50 -11.41 -16.27
N VAL A 354 12.30 -11.12 -16.78
CA VAL A 354 11.32 -12.15 -17.15
C VAL A 354 11.00 -11.97 -18.62
N HIS A 355 11.50 -12.88 -19.46
CA HIS A 355 11.28 -12.80 -20.90
C HIS A 355 10.04 -13.62 -21.29
N ASN A 356 9.27 -13.08 -22.21
CA ASN A 356 8.10 -13.80 -22.70
C ASN A 356 8.53 -15.01 -23.54
N GLN A 357 7.61 -15.97 -23.67
CA GLN A 357 7.89 -17.19 -24.40
C GLN A 357 7.20 -17.26 -25.75
N ASP A 358 6.11 -16.51 -25.94
CA ASP A 358 5.38 -16.48 -27.20
C ASP A 358 5.67 -15.21 -27.99
N VAL A 359 6.91 -14.74 -27.96
CA VAL A 359 7.29 -13.53 -28.70
C VAL A 359 7.23 -13.85 -30.19
N ASN A 360 6.23 -13.33 -30.88
CA ASN A 360 6.07 -13.52 -32.32
C ASN A 360 6.18 -12.19 -33.03
N LEU A 361 7.04 -12.13 -34.04
CA LEU A 361 7.30 -10.88 -34.76
C LEU A 361 7.28 -11.10 -36.27
N SER A 367 -7.23 -11.13 -34.47
CA SER A 367 -6.97 -11.66 -33.14
C SER A 367 -7.28 -10.61 -32.07
N PHE A 368 -8.57 -10.46 -31.77
CA PHE A 368 -9.03 -9.45 -30.80
C PHE A 368 -8.30 -9.59 -29.47
N LYS A 369 -7.94 -10.81 -29.10
CA LYS A 369 -7.09 -11.02 -27.93
C LYS A 369 -5.73 -10.35 -28.10
N GLU A 370 -5.14 -10.49 -29.29
CA GLU A 370 -3.85 -9.84 -29.52
C GLU A 370 -3.98 -8.33 -29.59
N LEU A 371 -5.11 -7.82 -30.08
CA LEU A 371 -5.35 -6.39 -30.03
C LEU A 371 -5.41 -5.89 -28.58
N LEU A 372 -6.06 -6.64 -27.70
CA LEU A 372 -6.04 -6.28 -26.29
C LEU A 372 -4.63 -6.35 -25.70
N VAL A 373 -3.88 -7.38 -26.05
CA VAL A 373 -2.51 -7.51 -25.54
C VAL A 373 -1.68 -6.32 -25.98
N TYR A 374 -1.88 -5.86 -27.22
CA TYR A 374 -1.16 -4.69 -27.72
C TYR A 374 -1.61 -3.41 -27.01
N ALA A 375 -2.93 -3.20 -26.91
CA ALA A 375 -3.45 -1.94 -26.38
C ALA A 375 -3.14 -1.77 -24.91
N ALA A 376 -3.32 -2.82 -24.10
CA ALA A 376 -3.05 -2.72 -22.68
C ALA A 376 -1.57 -2.50 -22.40
N ASP A 377 -0.71 -2.80 -23.36
CA ASP A 377 0.72 -2.62 -23.16
C ASP A 377 1.06 -1.13 -23.08
N PRO A 378 1.79 -0.70 -22.05
CA PRO A 378 2.19 0.72 -21.99
C PRO A 378 3.26 1.09 -23.00
N ALA A 379 3.83 0.12 -23.72
CA ALA A 379 4.93 0.41 -24.64
C ALA A 379 4.47 1.32 -25.77
N MET A 380 3.32 1.04 -26.37
CA MET A 380 2.86 1.85 -27.48
C MET A 380 2.43 3.25 -27.02
N HIS A 381 1.88 3.36 -25.81
CA HIS A 381 1.45 4.67 -25.33
C HIS A 381 2.65 5.53 -24.93
N ALA A 382 3.64 4.95 -24.26
CA ALA A 382 4.80 5.72 -23.82
C ALA A 382 5.77 6.00 -24.97
N ALA A 383 5.85 5.11 -25.97
CA ALA A 383 6.78 5.31 -27.07
C ALA A 383 6.42 6.55 -27.88
N SER A 384 5.13 6.75 -28.15
CA SER A 384 4.69 7.88 -28.94
C SER A 384 4.45 9.13 -28.11
N GLY A 385 4.48 9.03 -26.79
CA GLY A 385 4.24 10.18 -25.94
C GLY A 385 5.45 11.09 -25.80
N ASN A 386 5.18 12.32 -25.38
CA ASN A 386 6.24 13.30 -25.16
C ASN A 386 6.88 13.09 -23.81
N LEU A 387 8.15 13.50 -23.69
CA LEU A 387 8.85 13.40 -22.44
C LEU A 387 8.19 14.28 -21.38
N LEU A 388 8.31 13.87 -20.12
CA LEU A 388 7.69 14.59 -19.02
C LEU A 388 8.68 14.76 -17.88
N LEU A 389 8.66 15.94 -17.27
CA LEU A 389 9.44 16.25 -16.06
C LEU A 389 8.46 16.91 -15.08
N ASP A 390 7.86 16.10 -14.22
CA ASP A 390 6.87 16.57 -13.26
C ASP A 390 7.59 16.87 -11.95
N LYS A 391 7.84 18.15 -11.69
CA LYS A 391 8.52 18.56 -10.47
C LYS A 391 7.60 18.55 -9.25
N ARG A 392 6.31 18.34 -9.44
CA ARG A 392 5.38 18.30 -8.31
C ARG A 392 5.63 17.11 -7.39
N THR A 393 6.23 16.05 -7.90
CA THR A 393 6.48 14.84 -7.12
C THR A 393 7.90 14.36 -7.36
N THR A 394 8.43 13.64 -6.37
CA THR A 394 9.71 12.97 -6.53
C THR A 394 9.61 11.63 -7.26
N CYS A 395 8.39 11.20 -7.57
CA CYS A 395 8.20 9.94 -8.27
C CYS A 395 8.71 10.04 -9.70
N PHE A 396 9.30 8.94 -10.18
CA PHE A 396 9.79 8.89 -11.55
C PHE A 396 8.64 9.03 -12.54
N SER A 397 8.85 9.86 -13.56
CA SER A 397 7.86 10.10 -14.61
C SER A 397 8.33 9.47 -15.90
N VAL A 398 7.36 9.07 -16.74
CA VAL A 398 7.65 8.36 -17.98
C VAL A 398 7.34 9.21 -19.21
N ALA A 399 6.07 9.60 -19.38
CA ALA A 399 5.69 10.33 -20.57
C ALA A 399 4.40 11.11 -20.31
N ALA A 400 4.13 12.06 -21.20
CA ALA A 400 2.89 12.82 -21.19
C ALA A 400 2.08 12.42 -22.42
N LEU A 401 0.94 11.77 -22.18
CA LEU A 401 0.14 11.23 -23.28
C LEU A 401 -0.71 12.28 -23.98
N THR A 402 -0.80 13.49 -23.44
CA THR A 402 -1.57 14.56 -24.05
C THR A 402 -0.71 15.81 -24.12
N ASN A 403 -1.18 16.79 -24.90
CA ASN A 403 -0.44 18.03 -25.06
C ASN A 403 -0.57 18.95 -23.84
N ASN A 404 -1.58 18.73 -23.00
CA ASN A 404 -1.81 19.57 -21.84
C ASN A 404 -2.06 18.71 -20.61
N VAL A 405 -1.48 19.13 -19.49
CA VAL A 405 -1.71 18.44 -18.22
C VAL A 405 -3.09 18.81 -17.69
N ALA A 406 -3.81 17.81 -17.19
CA ALA A 406 -5.18 17.99 -16.73
C ALA A 406 -5.24 17.97 -15.21
N PHE A 407 -6.00 18.91 -14.64
CA PHE A 407 -6.22 19.01 -13.21
C PHE A 407 -7.67 18.71 -12.91
N GLN A 408 -7.91 17.75 -12.02
CA GLN A 408 -9.26 17.32 -11.67
C GLN A 408 -9.61 17.84 -10.28
N THR A 409 -10.78 18.46 -10.16
CA THR A 409 -11.24 19.04 -8.92
C THR A 409 -12.41 18.25 -8.35
N VAL A 410 -12.50 18.20 -7.03
CA VAL A 410 -13.59 17.52 -6.34
C VAL A 410 -14.61 18.57 -5.94
N LYS A 411 -15.86 18.39 -6.41
CA LYS A 411 -16.92 19.33 -6.12
C LYS A 411 -17.32 19.25 -4.65
N PRO A 412 -17.93 20.30 -4.11
CA PRO A 412 -18.48 20.22 -2.76
C PRO A 412 -19.80 19.47 -2.77
N GLY A 413 -20.03 18.71 -1.70
CA GLY A 413 -21.24 17.89 -1.64
C GLY A 413 -22.49 18.73 -1.49
N ASN A 414 -23.60 18.20 -2.00
CA ASN A 414 -24.86 18.90 -1.90
C ASN A 414 -25.36 18.90 -0.46
N PHE A 415 -26.37 19.73 -0.21
CA PHE A 415 -26.92 19.90 1.13
C PHE A 415 -28.42 19.65 1.10
N ASN A 416 -28.91 18.99 2.15
CA ASN A 416 -30.33 18.68 2.29
C ASN A 416 -30.92 19.63 3.32
N LYS A 417 -31.54 20.71 2.84
CA LYS A 417 -32.17 21.64 3.76
C LYS A 417 -33.39 21.04 4.45
N ASP A 418 -34.11 20.14 3.78
CA ASP A 418 -35.30 19.55 4.37
C ASP A 418 -34.94 18.73 5.61
N PHE A 419 -33.98 17.80 5.46
CA PHE A 419 -33.61 16.95 6.59
C PHE A 419 -32.97 17.75 7.70
N TYR A 420 -32.10 18.71 7.36
CA TYR A 420 -31.45 19.51 8.39
C TYR A 420 -32.47 20.36 9.14
N ASP A 421 -33.43 20.96 8.42
CA ASP A 421 -34.48 21.74 9.08
C ASP A 421 -35.34 20.86 9.98
N PHE A 422 -35.67 19.65 9.51
CA PHE A 422 -36.44 18.73 10.35
C PHE A 422 -35.67 18.37 11.60
N ALA A 423 -34.38 18.07 11.47
CA ALA A 423 -33.58 17.69 12.62
C ALA A 423 -33.47 18.85 13.62
N VAL A 424 -33.27 20.06 13.13
CA VAL A 424 -33.19 21.22 14.02
C VAL A 424 -34.53 21.45 14.72
N SER A 425 -35.64 21.25 14.00
CA SER A 425 -36.95 21.43 14.61
C SER A 425 -37.23 20.40 15.68
N LYS A 426 -36.53 19.27 15.68
CA LYS A 426 -36.70 18.23 16.70
C LYS A 426 -35.71 18.34 17.84
N GLY A 427 -34.87 19.37 17.85
CA GLY A 427 -33.92 19.57 18.91
C GLY A 427 -32.51 19.08 18.66
N PHE A 428 -32.18 18.70 17.43
CA PHE A 428 -30.85 18.23 17.10
C PHE A 428 -29.93 19.41 16.76
N PHE A 429 -28.63 19.13 16.74
CA PHE A 429 -27.61 20.12 16.44
C PHE A 429 -27.67 21.31 17.40
N LYS A 430 -28.12 21.06 18.62
CA LYS A 430 -28.22 22.12 19.62
C LYS A 430 -26.85 22.34 20.28
N GLU A 431 -26.67 23.54 20.83
CA GLU A 431 -25.41 23.91 21.44
C GLU A 431 -25.12 23.01 22.64
N GLY A 432 -23.91 22.45 22.67
CA GLY A 432 -23.52 21.56 23.74
C GLY A 432 -24.02 20.14 23.62
N SER A 433 -24.66 19.78 22.51
CA SER A 433 -25.19 18.44 22.34
C SER A 433 -24.05 17.43 22.13
N SER A 434 -24.30 16.20 22.56
CA SER A 434 -23.30 15.15 22.39
C SER A 434 -23.23 14.68 20.94
N VAL A 435 -24.31 14.86 20.18
CA VAL A 435 -24.35 14.49 18.77
C VAL A 435 -24.18 15.75 17.94
N GLU A 436 -23.10 15.81 17.17
CA GLU A 436 -22.78 16.97 16.36
C GLU A 436 -22.42 16.48 14.95
N LEU A 437 -22.16 17.42 14.05
CA LEU A 437 -21.76 17.11 12.67
C LEU A 437 -20.24 17.12 12.59
N LYS A 438 -19.67 15.97 12.22
CA LYS A 438 -18.24 15.85 12.04
C LYS A 438 -17.85 15.12 10.76
N HIS A 439 -18.81 14.71 9.95
CA HIS A 439 -18.56 14.03 8.68
C HIS A 439 -19.16 14.86 7.55
N PHE A 440 -18.30 15.38 6.68
CA PHE A 440 -18.71 16.29 5.63
C PHE A 440 -18.13 15.86 4.29
N PHE A 441 -18.68 16.42 3.23
CA PHE A 441 -18.09 16.33 1.90
C PHE A 441 -17.01 17.40 1.77
N PHE A 442 -15.76 16.99 1.65
CA PHE A 442 -14.63 17.91 1.56
C PHE A 442 -14.25 18.12 0.11
N ALA A 443 -14.15 19.39 -0.30
CA ALA A 443 -13.80 19.74 -1.67
C ALA A 443 -12.29 19.86 -1.81
N GLN A 444 -11.82 19.64 -3.04
CA GLN A 444 -10.39 19.68 -3.35
C GLN A 444 -10.18 20.47 -4.64
N ASP A 445 -8.97 21.03 -4.76
CA ASP A 445 -8.61 21.83 -5.92
C ASP A 445 -8.04 20.93 -7.02
N GLY A 446 -7.44 21.56 -8.04
CA GLY A 446 -6.93 20.81 -9.18
C GLY A 446 -5.65 20.04 -8.93
N ASN A 447 -4.90 20.41 -7.88
CA ASN A 447 -3.64 19.75 -7.57
C ASN A 447 -3.79 18.67 -6.50
N ALA A 448 -5.02 18.20 -6.26
CA ALA A 448 -5.25 17.21 -5.22
C ALA A 448 -4.83 15.81 -5.66
N ALA A 449 -5.08 15.47 -6.93
CA ALA A 449 -4.79 14.12 -7.40
C ALA A 449 -3.30 13.81 -7.34
N ILE A 450 -2.47 14.73 -7.83
CA ILE A 450 -1.03 14.49 -7.80
C ILE A 450 -0.49 14.55 -6.38
N SER A 451 -1.10 15.38 -5.52
CA SER A 451 -0.70 15.41 -4.12
C SER A 451 -0.99 14.09 -3.44
N ASP A 452 -2.14 13.48 -3.74
CA ASP A 452 -2.46 12.17 -3.21
C ASP A 452 -1.50 11.12 -3.76
N TYR A 453 -1.20 11.18 -5.05
CA TYR A 453 -0.25 10.23 -5.64
C TYR A 453 1.13 10.37 -5.01
N ASP A 454 1.48 11.57 -4.54
CA ASP A 454 2.78 11.80 -3.93
C ASP A 454 2.94 11.07 -2.60
N TYR A 455 1.87 10.52 -2.03
CA TYR A 455 1.96 9.77 -0.80
C TYR A 455 2.67 8.43 -0.98
N TYR A 456 2.93 8.01 -2.21
CA TYR A 456 3.69 6.79 -2.45
C TYR A 456 5.15 6.94 -2.08
N ARG A 457 5.61 8.15 -1.76
CA ARG A 457 6.97 8.32 -1.27
C ARG A 457 7.19 7.60 0.06
N TYR A 458 6.11 7.28 0.78
CA TYR A 458 6.24 6.55 2.04
C TYR A 458 6.63 5.11 1.83
N ASN A 459 6.48 4.58 0.62
CA ASN A 459 6.90 3.21 0.32
C ASN A 459 8.40 3.19 0.08
N LEU A 460 9.08 2.25 0.73
CA LEU A 460 10.53 2.17 0.72
C LEU A 460 10.95 0.74 0.44
N PRO A 461 12.14 0.54 -0.12
CA PRO A 461 12.61 -0.84 -0.36
C PRO A 461 12.96 -1.53 0.95
N THR A 462 12.12 -2.45 1.38
CA THR A 462 12.30 -3.16 2.66
C THR A 462 12.73 -4.59 2.40
N MET A 463 13.82 -5.00 3.03
CA MET A 463 14.33 -6.36 2.93
C MET A 463 13.91 -7.11 4.18
N CYS A 464 12.92 -7.99 4.05
CA CYS A 464 12.37 -8.68 5.20
C CYS A 464 13.35 -9.74 5.72
N ASP A 465 13.21 -10.06 7.01
CA ASP A 465 13.95 -11.17 7.59
C ASP A 465 13.49 -12.45 6.93
N ILE A 466 14.41 -13.18 6.29
CA ILE A 466 13.99 -14.23 5.38
C ILE A 466 13.57 -15.49 6.12
N ARG A 467 14.30 -15.90 7.15
CA ARG A 467 13.91 -17.08 7.91
C ARG A 467 12.61 -16.84 8.66
N GLN A 468 12.50 -15.68 9.29
CA GLN A 468 11.26 -15.32 9.98
C GLN A 468 10.09 -15.25 9.00
N LEU A 469 10.30 -14.67 7.83
CA LEU A 469 9.23 -14.57 6.85
C LEU A 469 8.83 -15.95 6.32
N LEU A 470 9.78 -16.86 6.17
CA LEU A 470 9.45 -18.20 5.70
C LEU A 470 8.63 -18.96 6.74
N PHE A 471 9.04 -18.90 8.01
CA PHE A 471 8.24 -19.56 9.03
C PHE A 471 6.86 -18.91 9.17
N VAL A 472 6.81 -17.58 9.03
CA VAL A 472 5.54 -16.87 9.17
C VAL A 472 4.59 -17.23 8.02
N VAL A 473 5.12 -17.37 6.80
CA VAL A 473 4.24 -17.78 5.71
C VAL A 473 3.80 -19.22 5.89
N GLU A 474 4.67 -20.09 6.44
CA GLU A 474 4.24 -21.44 6.76
C GLU A 474 3.08 -21.44 7.75
N VAL A 475 3.18 -20.61 8.80
CA VAL A 475 2.12 -20.58 9.81
C VAL A 475 0.84 -19.94 9.24
N VAL A 476 0.99 -18.90 8.42
CA VAL A 476 -0.16 -18.24 7.83
C VAL A 476 -0.90 -19.17 6.87
N ASP A 477 -0.17 -20.07 6.19
CA ASP A 477 -0.82 -21.03 5.31
C ASP A 477 -1.81 -21.91 6.08
N LYS A 478 -1.60 -22.08 7.39
CA LYS A 478 -2.54 -22.87 8.18
C LYS A 478 -3.89 -22.19 8.31
N TYR A 479 -3.92 -20.87 8.30
CA TYR A 479 -5.20 -20.15 8.39
C TYR A 479 -6.02 -20.26 7.12
N PHE A 480 -5.45 -20.81 6.04
CA PHE A 480 -6.15 -20.94 4.77
C PHE A 480 -6.23 -22.38 4.30
N ASP A 481 -6.04 -23.35 5.18
CA ASP A 481 -6.16 -24.75 4.79
C ASP A 481 -7.60 -25.22 4.71
N CYS A 482 -8.54 -24.46 5.26
CA CYS A 482 -9.94 -24.87 5.19
C CYS A 482 -10.59 -24.50 3.86
N TYR A 483 -10.10 -23.45 3.19
CA TYR A 483 -10.67 -23.05 1.92
C TYR A 483 -10.08 -23.86 0.78
N ASP A 484 -10.81 -23.88 -0.35
CA ASP A 484 -10.36 -24.54 -1.57
C ASP A 484 -10.31 -23.52 -2.71
N GLY A 485 -9.33 -23.68 -3.59
CA GLY A 485 -9.17 -22.77 -4.70
C GLY A 485 -8.52 -23.44 -5.89
N GLY A 486 -8.77 -22.87 -7.06
CA GLY A 486 -8.19 -23.39 -8.28
C GLY A 486 -8.58 -22.54 -9.46
N CYS A 487 -8.05 -22.91 -10.62
CA CYS A 487 -8.37 -22.20 -11.85
C CYS A 487 -9.74 -22.63 -12.35
N ILE A 488 -10.47 -21.68 -12.94
CA ILE A 488 -11.80 -21.93 -13.45
C ILE A 488 -11.87 -21.48 -14.91
N ASN A 489 -12.80 -22.07 -15.64
CA ASN A 489 -12.97 -21.72 -17.05
C ASN A 489 -13.71 -20.39 -17.18
N ALA A 490 -13.77 -19.89 -18.41
CA ALA A 490 -14.37 -18.59 -18.65
C ALA A 490 -15.88 -18.58 -18.39
N ASN A 491 -16.53 -19.73 -18.55
CA ASN A 491 -17.97 -19.79 -18.35
C ASN A 491 -18.38 -19.93 -16.89
N GLN A 492 -17.45 -20.24 -16.00
CA GLN A 492 -17.74 -20.36 -14.57
C GLN A 492 -17.46 -19.08 -13.80
N VAL A 493 -16.93 -18.05 -14.46
CA VAL A 493 -16.59 -16.80 -13.79
C VAL A 493 -17.84 -15.95 -13.62
N ILE A 494 -18.07 -15.49 -12.38
CA ILE A 494 -19.22 -14.67 -12.05
C ILE A 494 -18.76 -13.23 -11.87
N VAL A 495 -19.39 -12.32 -12.61
CA VAL A 495 -19.08 -10.90 -12.55
C VAL A 495 -20.28 -10.16 -11.96
N ASN A 496 -20.01 -9.34 -10.94
CA ASN A 496 -21.10 -8.70 -10.22
C ASN A 496 -21.81 -7.65 -11.08
N ASN A 497 -21.05 -6.76 -11.71
CA ASN A 497 -21.63 -5.70 -12.53
C ASN A 497 -20.74 -5.42 -13.72
N LEU A 498 -21.36 -5.27 -14.88
CA LEU A 498 -20.65 -5.06 -16.14
C LEU A 498 -20.68 -3.61 -16.62
N ASP A 499 -21.32 -2.71 -15.87
CA ASP A 499 -21.42 -1.31 -16.27
C ASP A 499 -20.40 -0.43 -15.55
N LYS A 500 -19.22 -0.97 -15.29
CA LYS A 500 -18.13 -0.22 -14.66
C LYS A 500 -17.06 0.11 -15.69
N SER A 501 -16.12 0.95 -15.27
CA SER A 501 -15.04 1.37 -16.15
C SER A 501 -14.12 0.20 -16.47
N ALA A 502 -13.64 0.16 -17.71
CA ALA A 502 -12.78 -0.91 -18.19
C ALA A 502 -11.30 -0.56 -18.11
N GLY A 503 -10.95 0.56 -17.49
CA GLY A 503 -9.57 0.95 -17.35
C GLY A 503 -9.03 1.65 -18.59
N PHE A 504 -7.74 1.95 -18.52
CA PHE A 504 -7.08 2.65 -19.61
C PHE A 504 -6.26 1.67 -20.46
N PRO A 505 -6.27 1.80 -21.80
CA PRO A 505 -7.00 2.78 -22.60
C PRO A 505 -8.38 2.31 -23.02
N PHE A 506 -8.84 1.21 -22.43
CA PHE A 506 -10.07 0.59 -22.88
C PHE A 506 -11.32 1.39 -22.54
N ASN A 507 -11.21 2.43 -21.72
CA ASN A 507 -12.37 3.25 -21.40
C ASN A 507 -12.72 4.24 -22.51
N LYS A 508 -11.89 4.36 -23.53
CA LYS A 508 -12.22 5.24 -24.65
C LYS A 508 -13.26 4.65 -25.58
N TRP A 509 -13.54 3.35 -25.47
CA TRP A 509 -14.40 2.66 -26.42
C TRP A 509 -15.67 2.07 -25.82
N GLY A 510 -15.67 1.75 -24.54
CA GLY A 510 -16.87 1.20 -23.93
C GLY A 510 -16.59 0.71 -22.52
N LYS A 511 -17.65 0.18 -21.92
CA LYS A 511 -17.56 -0.37 -20.58
C LYS A 511 -17.10 -1.82 -20.62
N ALA A 512 -16.99 -2.45 -19.44
CA ALA A 512 -16.54 -3.84 -19.37
C ALA A 512 -17.56 -4.79 -19.97
N ARG A 513 -18.84 -4.39 -20.01
CA ARG A 513 -19.85 -5.26 -20.61
C ARG A 513 -19.56 -5.51 -22.09
N LEU A 514 -19.13 -4.47 -22.80
CA LEU A 514 -18.81 -4.64 -24.21
C LEU A 514 -17.67 -5.62 -24.41
N TYR A 515 -16.64 -5.55 -23.55
CA TYR A 515 -15.49 -6.43 -23.70
C TYR A 515 -15.83 -7.86 -23.35
N TYR A 516 -16.61 -8.07 -22.28
CA TYR A 516 -17.04 -9.42 -21.95
C TYR A 516 -17.97 -9.99 -23.00
N ASP A 517 -18.75 -9.15 -23.68
CA ASP A 517 -19.61 -9.63 -24.75
C ASP A 517 -18.81 -9.98 -26.00
N SER A 518 -17.83 -9.15 -26.36
CA SER A 518 -17.03 -9.43 -27.55
C SER A 518 -16.13 -10.64 -27.34
N MET A 519 -15.49 -10.73 -26.16
CA MET A 519 -14.67 -11.89 -25.82
C MET A 519 -15.51 -13.16 -25.70
N SER A 520 -15.38 -14.05 -26.67
CA SER A 520 -15.99 -15.37 -26.54
C SER A 520 -15.24 -16.18 -25.50
N TYR A 521 -15.93 -17.18 -24.94
CA TYR A 521 -15.34 -18.00 -23.89
C TYR A 521 -14.02 -18.60 -24.33
N GLU A 522 -13.93 -19.02 -25.60
CA GLU A 522 -12.69 -19.54 -26.13
C GLU A 522 -11.60 -18.46 -26.14
N ASP A 523 -11.97 -17.23 -26.52
CA ASP A 523 -11.00 -16.14 -26.51
C ASP A 523 -10.53 -15.81 -25.10
N GLN A 524 -11.45 -15.81 -24.13
CA GLN A 524 -11.07 -15.54 -22.75
C GLN A 524 -10.14 -16.63 -22.22
N ASP A 525 -10.44 -17.89 -22.54
CA ASP A 525 -9.55 -18.98 -22.14
C ASP A 525 -8.20 -18.89 -22.81
N ALA A 526 -8.17 -18.48 -24.08
CA ALA A 526 -6.90 -18.30 -24.78
C ALA A 526 -6.07 -17.19 -24.13
N LEU A 527 -6.72 -16.08 -23.76
CA LEU A 527 -6.00 -15.01 -23.08
C LEU A 527 -5.47 -15.48 -21.73
N PHE A 528 -6.29 -16.21 -20.98
CA PHE A 528 -5.86 -16.71 -19.67
C PHE A 528 -4.67 -17.64 -19.81
N ALA A 529 -4.70 -18.55 -20.80
CA ALA A 529 -3.55 -19.43 -21.04
C ALA A 529 -2.35 -18.64 -21.55
N TYR A 530 -2.59 -17.53 -22.24
CA TYR A 530 -1.49 -16.67 -22.67
C TYR A 530 -0.78 -16.05 -21.47
N THR A 531 -1.54 -15.59 -20.49
CA THR A 531 -0.93 -14.94 -19.33
C THR A 531 -0.10 -15.91 -18.49
N LYS A 532 -0.33 -17.22 -18.61
CA LYS A 532 0.49 -18.19 -17.91
C LYS A 532 1.85 -18.39 -18.57
N ARG A 533 2.04 -17.90 -19.78
CA ARG A 533 3.31 -18.00 -20.49
C ARG A 533 4.03 -16.67 -20.68
N ASN A 534 3.28 -15.57 -20.75
CA ASN A 534 3.86 -14.25 -21.00
C ASN A 534 3.41 -13.27 -19.93
N VAL A 535 4.09 -12.12 -19.90
CA VAL A 535 3.80 -11.04 -18.97
C VAL A 535 3.12 -9.91 -19.74
N ILE A 536 1.98 -9.44 -19.23
CA ILE A 536 1.21 -8.38 -19.85
C ILE A 536 1.22 -7.18 -18.92
N PRO A 537 2.12 -6.22 -19.12
CA PRO A 537 2.07 -4.98 -18.35
C PRO A 537 0.82 -4.18 -18.71
N THR A 538 0.28 -3.48 -17.72
CA THR A 538 -0.97 -2.74 -17.88
C THR A 538 -0.81 -1.34 -17.31
N ILE A 539 -1.77 -0.48 -17.68
CA ILE A 539 -1.83 0.90 -17.21
C ILE A 539 -3.11 1.06 -16.38
N THR A 540 -2.95 1.57 -15.17
CA THR A 540 -4.08 1.73 -14.25
C THR A 540 -4.30 3.21 -13.96
N GLN A 541 -5.55 3.64 -14.04
CA GLN A 541 -5.89 5.03 -13.78
C GLN A 541 -6.12 5.25 -12.29
N MET A 542 -5.74 6.41 -11.80
CA MET A 542 -6.11 6.83 -10.45
C MET A 542 -7.08 8.00 -10.54
N ASN A 543 -8.25 7.84 -9.93
CA ASN A 543 -9.32 8.83 -9.98
C ASN A 543 -9.67 9.27 -8.57
N LEU A 544 -9.85 10.57 -8.38
CA LEU A 544 -10.29 11.10 -7.10
C LEU A 544 -11.67 10.55 -6.76
N LYS A 545 -11.84 10.13 -5.50
CA LYS A 545 -13.11 9.59 -5.04
C LYS A 545 -13.93 10.66 -4.37
N TYR A 546 -15.25 10.52 -4.45
CA TYR A 546 -16.21 11.53 -3.99
C TYR A 546 -17.10 10.87 -2.93
N ALA A 547 -16.71 11.01 -1.66
CA ALA A 547 -17.40 10.31 -0.58
C ALA A 547 -17.23 11.07 0.73
N ILE A 548 -18.05 10.71 1.71
CA ILE A 548 -17.99 11.31 3.03
C ILE A 548 -16.65 11.01 3.69
N SER A 549 -16.14 11.99 4.44
CA SER A 549 -14.92 11.78 5.20
C SER A 549 -14.89 12.76 6.37
N ALA A 550 -14.21 12.37 7.44
CA ALA A 550 -13.99 13.23 8.59
C ALA A 550 -12.63 13.91 8.54
N LYS A 551 -11.86 13.70 7.48
CA LYS A 551 -10.59 14.36 7.27
C LYS A 551 -10.55 14.93 5.86
N ASN A 552 -9.81 16.01 5.67
CA ASN A 552 -9.81 16.73 4.40
C ASN A 552 -8.86 16.13 3.37
N ARG A 553 -8.16 15.05 3.71
CA ARG A 553 -7.28 14.41 2.74
C ARG A 553 -8.10 13.73 1.65
N ALA A 554 -7.67 13.92 0.40
CA ALA A 554 -8.35 13.30 -0.73
C ALA A 554 -8.03 11.81 -0.80
N ARG A 555 -8.94 11.06 -1.43
CA ARG A 555 -8.77 9.63 -1.62
C ARG A 555 -8.92 9.28 -3.09
N THR A 556 -8.07 8.39 -3.57
CA THR A 556 -8.06 7.97 -4.97
C THR A 556 -8.36 6.48 -5.07
N VAL A 557 -8.85 6.09 -6.25
CA VAL A 557 -9.14 4.70 -6.57
C VAL A 557 -8.41 4.35 -7.86
N ALA A 558 -7.81 3.16 -7.89
CA ALA A 558 -6.97 2.73 -9.00
C ALA A 558 -7.74 1.75 -9.87
N GLY A 559 -8.46 2.31 -10.86
CA GLY A 559 -9.13 1.48 -11.84
C GLY A 559 -8.13 0.74 -12.71
N VAL A 560 -8.23 -0.58 -12.75
CA VAL A 560 -7.28 -1.41 -13.49
C VAL A 560 -7.90 -1.78 -14.84
N SER A 561 -7.04 -2.23 -15.75
CA SER A 561 -7.47 -2.55 -17.10
C SER A 561 -8.29 -3.84 -17.11
N ILE A 562 -8.96 -4.08 -18.24
CA ILE A 562 -9.86 -5.21 -18.34
C ILE A 562 -9.10 -6.54 -18.41
N CYS A 563 -7.93 -6.55 -19.05
CA CYS A 563 -7.18 -7.80 -19.20
C CYS A 563 -6.74 -8.33 -17.83
N SER A 564 -6.17 -7.45 -17.00
CA SER A 564 -5.76 -7.86 -15.66
C SER A 564 -6.95 -8.34 -14.85
N THR A 565 -8.07 -7.62 -14.93
CA THR A 565 -9.26 -8.02 -14.18
C THR A 565 -9.74 -9.41 -14.60
N MET A 566 -9.82 -9.65 -15.91
CA MET A 566 -10.30 -10.93 -16.40
C MET A 566 -9.39 -12.07 -15.97
N THR A 567 -8.08 -11.92 -16.20
CA THR A 567 -7.16 -13.01 -15.86
C THR A 567 -7.09 -13.25 -14.37
N ASN A 568 -7.06 -12.18 -13.56
CA ASN A 568 -7.03 -12.36 -12.12
C ASN A 568 -8.32 -12.97 -11.60
N ARG A 569 -9.46 -12.63 -12.21
CA ARG A 569 -10.72 -13.28 -11.83
C ARG A 569 -10.64 -14.78 -12.09
N GLN A 570 -10.25 -15.16 -13.31
CA GLN A 570 -10.18 -16.58 -13.62
C GLN A 570 -9.17 -17.31 -12.73
N PHE A 571 -8.12 -16.62 -12.29
CA PHE A 571 -7.14 -17.25 -11.42
C PHE A 571 -7.64 -17.42 -10.00
N HIS A 572 -8.29 -16.38 -9.44
CA HIS A 572 -8.49 -16.30 -8.00
C HIS A 572 -9.93 -16.39 -7.53
N GLN A 573 -10.92 -16.46 -8.45
CA GLN A 573 -12.30 -16.32 -8.02
C GLN A 573 -12.76 -17.50 -7.18
N LYS A 574 -12.29 -18.71 -7.48
CA LYS A 574 -12.71 -19.87 -6.69
C LYS A 574 -12.29 -19.72 -5.23
N LEU A 575 -11.01 -19.37 -5.00
CA LEU A 575 -10.54 -19.17 -3.64
C LEU A 575 -11.23 -17.98 -2.97
N LEU A 576 -11.46 -16.91 -3.73
CA LEU A 576 -12.10 -15.73 -3.16
C LEU A 576 -13.52 -16.04 -2.70
N LYS A 577 -14.28 -16.76 -3.52
CA LYS A 577 -15.65 -17.11 -3.17
C LYS A 577 -15.68 -18.16 -2.07
N SER A 578 -14.65 -19.00 -1.98
CA SER A 578 -14.56 -19.94 -0.88
C SER A 578 -14.29 -19.23 0.45
N ILE A 579 -13.41 -18.24 0.42
CA ILE A 579 -13.13 -17.46 1.62
C ILE A 579 -14.36 -16.65 2.04
N ALA A 580 -15.07 -16.08 1.08
CA ALA A 580 -16.23 -15.25 1.40
C ALA A 580 -17.42 -16.06 1.87
N ALA A 581 -17.39 -17.39 1.76
CA ALA A 581 -18.53 -18.23 2.11
C ALA A 581 -18.25 -19.14 3.30
N THR A 582 -17.21 -18.87 4.07
CA THR A 582 -16.84 -19.69 5.22
C THR A 582 -17.15 -18.93 6.51
N ARG A 583 -17.79 -19.62 7.44
CA ARG A 583 -18.20 -19.02 8.72
C ARG A 583 -17.41 -19.65 9.86
N GLY A 584 -17.06 -18.82 10.84
CA GLY A 584 -16.33 -19.30 12.00
C GLY A 584 -14.83 -19.36 11.83
N ALA A 585 -14.28 -18.69 10.83
CA ALA A 585 -12.85 -18.71 10.58
C ALA A 585 -12.21 -17.40 11.05
N THR A 586 -10.89 -17.32 10.93
CA THR A 586 -10.18 -16.11 11.31
C THR A 586 -10.62 -14.92 10.46
N VAL A 587 -10.58 -15.08 9.14
CA VAL A 587 -11.00 -14.03 8.22
C VAL A 587 -12.52 -14.02 8.18
N VAL A 588 -13.12 -12.87 8.48
CA VAL A 588 -14.57 -12.76 8.59
C VAL A 588 -15.15 -12.02 7.40
N ILE A 589 -14.45 -12.07 6.26
CA ILE A 589 -14.98 -11.50 5.03
C ILE A 589 -16.18 -12.32 4.59
N GLY A 590 -17.27 -11.64 4.27
CA GLY A 590 -18.49 -12.30 3.86
C GLY A 590 -19.46 -12.63 4.98
N THR A 591 -19.11 -12.33 6.22
CA THR A 591 -19.99 -12.58 7.35
C THR A 591 -20.85 -11.34 7.61
N SER A 592 -22.16 -11.50 7.49
CA SER A 592 -23.07 -10.37 7.65
C SER A 592 -23.21 -10.01 9.13
N LYS A 593 -23.08 -8.72 9.44
CA LYS A 593 -23.28 -8.27 10.81
C LYS A 593 -24.73 -8.37 11.26
N PHE A 594 -25.66 -8.56 10.33
CA PHE A 594 -27.07 -8.62 10.65
C PHE A 594 -27.46 -10.04 11.08
N TYR A 595 -28.69 -10.14 11.61
CA TYR A 595 -29.27 -11.43 11.98
C TYR A 595 -28.38 -12.21 12.93
N GLY A 596 -27.82 -11.51 13.92
CA GLY A 596 -26.97 -12.14 14.90
C GLY A 596 -25.56 -12.46 14.43
N GLY A 597 -25.16 -11.92 13.28
CA GLY A 597 -23.81 -12.18 12.80
C GLY A 597 -22.74 -11.58 13.69
N TRP A 598 -22.97 -10.37 14.19
CA TRP A 598 -22.01 -9.72 15.08
C TRP A 598 -21.82 -10.54 16.36
N HIS A 599 -22.92 -11.00 16.94
CA HIS A 599 -22.84 -11.80 18.16
C HIS A 599 -22.09 -13.10 17.91
N ASN A 600 -22.38 -13.77 16.78
CA ASN A 600 -21.69 -15.01 16.47
C ASN A 600 -20.20 -14.78 16.26
N MET A 601 -19.84 -13.70 15.57
CA MET A 601 -18.43 -13.39 15.36
C MET A 601 -17.72 -13.15 16.69
N LEU A 602 -18.34 -12.37 17.58
CA LEU A 602 -17.71 -12.09 18.86
C LEU A 602 -17.60 -13.34 19.71
N LYS A 603 -18.62 -14.20 19.71
CA LYS A 603 -18.52 -15.45 20.44
C LYS A 603 -17.42 -16.34 19.89
N THR A 604 -17.25 -16.34 18.55
CA THR A 604 -16.16 -17.08 17.95
C THR A 604 -14.80 -16.55 18.40
N VAL A 605 -14.68 -15.22 18.52
CA VAL A 605 -13.40 -14.64 18.93
C VAL A 605 -13.09 -15.01 20.39
N TYR A 606 -14.12 -15.05 21.24
CA TYR A 606 -13.95 -15.36 22.66
C TYR A 606 -13.84 -16.86 22.93
N SER A 607 -13.52 -17.67 21.93
CA SER A 607 -13.58 -19.13 22.07
C SER A 607 -12.45 -19.60 22.97
N ASP A 608 -12.77 -19.82 24.25
CA ASP A 608 -11.92 -20.55 25.19
C ASP A 608 -10.53 -19.90 25.31
N VAL A 609 -10.53 -18.67 25.85
CA VAL A 609 -9.29 -17.97 26.18
C VAL A 609 -9.25 -17.80 27.69
N GLU A 610 -8.11 -18.17 28.30
CA GLU A 610 -8.04 -18.31 29.74
C GLU A 610 -8.30 -16.99 30.46
N ASN A 611 -7.57 -15.93 30.09
CA ASN A 611 -7.72 -14.61 30.69
C ASN A 611 -7.94 -13.62 29.57
N PRO A 612 -9.15 -13.57 29.01
CA PRO A 612 -9.35 -12.84 27.75
C PRO A 612 -9.32 -11.33 27.93
N HIS A 613 -8.50 -10.67 27.12
CA HIS A 613 -8.57 -9.23 26.91
C HIS A 613 -8.66 -8.97 25.42
N LEU A 614 -9.36 -7.89 25.05
CA LEU A 614 -9.52 -7.52 23.66
C LEU A 614 -8.46 -6.49 23.28
N MET A 615 -8.04 -6.55 22.02
CA MET A 615 -7.01 -5.66 21.51
C MET A 615 -7.31 -5.33 20.06
N GLY A 616 -6.95 -4.12 19.65
CA GLY A 616 -7.18 -3.70 18.28
C GLY A 616 -6.19 -2.63 17.88
N TRP A 617 -5.87 -2.59 16.60
CA TRP A 617 -4.89 -1.65 16.08
C TRP A 617 -5.32 -1.22 14.68
N ASP A 618 -4.53 -0.32 14.09
CA ASP A 618 -4.77 0.15 12.74
C ASP A 618 -3.43 0.38 12.06
N TYR A 619 -3.42 0.27 10.73
CA TYR A 619 -2.21 0.40 9.95
C TYR A 619 -2.11 1.80 9.37
N PRO A 620 -1.10 2.59 9.73
CA PRO A 620 -0.95 3.92 9.11
C PRO A 620 -0.42 3.78 7.69
N LYS A 621 -1.13 4.40 6.74
CA LYS A 621 -0.77 4.36 5.32
C LYS A 621 -0.61 2.92 4.84
N CYS A 622 -1.63 2.10 5.11
CA CYS A 622 -1.54 0.68 4.79
C CYS A 622 -1.40 0.44 3.29
N ASP A 623 -2.20 1.15 2.49
CA ASP A 623 -2.19 0.94 1.05
C ASP A 623 -1.01 1.60 0.35
N ARG A 624 -0.27 2.47 1.05
CA ARG A 624 0.87 3.16 0.46
C ARG A 624 2.22 2.68 0.97
N ALA A 625 2.27 2.10 2.17
CA ALA A 625 3.54 1.75 2.80
C ALA A 625 3.80 0.26 2.89
N MET A 626 2.91 -0.58 2.35
CA MET A 626 3.12 -2.02 2.43
C MET A 626 4.34 -2.42 1.62
N PRO A 627 5.28 -3.18 2.20
CA PRO A 627 6.47 -3.58 1.44
C PRO A 627 6.11 -4.51 0.30
N ASN A 628 6.97 -4.53 -0.72
CA ASN A 628 6.75 -5.39 -1.87
C ASN A 628 6.84 -6.86 -1.50
N MET A 629 7.71 -7.20 -0.54
CA MET A 629 7.85 -8.60 -0.15
C MET A 629 6.57 -9.14 0.47
N LEU A 630 5.88 -8.34 1.28
CA LEU A 630 4.66 -8.83 1.90
C LEU A 630 3.54 -9.01 0.88
N ARG A 631 3.47 -8.13 -0.13
CA ARG A 631 2.49 -8.33 -1.20
C ARG A 631 2.82 -9.57 -2.03
N ILE A 632 4.12 -9.80 -2.30
CA ILE A 632 4.52 -10.99 -3.03
C ILE A 632 4.15 -12.25 -2.23
N MET A 633 4.40 -12.23 -0.92
CA MET A 633 4.08 -13.38 -0.09
C MET A 633 2.57 -13.61 -0.02
N ALA A 634 1.78 -12.53 0.03
CA ALA A 634 0.33 -12.68 0.03
C ALA A 634 -0.14 -13.29 -1.29
N SER A 635 0.42 -12.85 -2.41
CA SER A 635 0.07 -13.45 -3.70
C SER A 635 0.45 -14.91 -3.75
N LEU A 636 1.62 -15.27 -3.21
CA LEU A 636 2.05 -16.66 -3.18
C LEU A 636 1.13 -17.51 -2.32
N VAL A 637 0.69 -16.97 -1.17
CA VAL A 637 -0.24 -17.70 -0.32
C VAL A 637 -1.57 -17.91 -1.03
N LEU A 638 -2.08 -16.87 -1.69
CA LEU A 638 -3.33 -17.02 -2.44
C LEU A 638 -3.17 -17.96 -3.62
N ALA A 639 -1.95 -18.13 -4.12
CA ALA A 639 -1.69 -19.01 -5.25
C ALA A 639 -1.27 -20.41 -4.83
N ARG A 640 -1.22 -20.70 -3.53
CA ARG A 640 -0.81 -22.02 -3.07
C ARG A 640 -1.88 -23.08 -3.32
N LYS A 641 -3.10 -22.66 -3.69
CA LYS A 641 -4.20 -23.59 -3.96
C LYS A 641 -4.10 -24.24 -5.33
N HIS A 642 -3.13 -23.85 -6.15
CA HIS A 642 -3.03 -24.29 -7.54
C HIS A 642 -1.98 -25.36 -7.73
N THR A 643 -1.84 -26.28 -6.77
CA THR A 643 -0.84 -27.32 -6.89
C THR A 643 -1.23 -28.39 -7.89
N THR A 644 -2.53 -28.53 -8.17
CA THR A 644 -3.02 -29.59 -9.05
C THR A 644 -3.44 -29.10 -10.43
N CYS A 645 -3.62 -27.79 -10.61
CA CYS A 645 -4.06 -27.26 -11.90
C CYS A 645 -2.96 -26.53 -12.66
N CYS A 646 -2.02 -25.92 -11.96
CA CYS A 646 -0.94 -25.17 -12.59
C CYS A 646 0.41 -25.76 -12.22
N SER A 647 1.34 -25.73 -13.15
CA SER A 647 2.69 -26.22 -12.92
C SER A 647 3.50 -25.11 -12.24
N LEU A 648 4.82 -25.32 -12.15
CA LEU A 648 5.68 -24.32 -11.52
C LEU A 648 5.82 -23.08 -12.39
N SER A 649 6.05 -23.28 -13.69
CA SER A 649 6.24 -22.15 -14.59
C SER A 649 4.96 -21.33 -14.71
N HIS A 650 3.81 -22.00 -14.78
CA HIS A 650 2.54 -21.27 -14.88
C HIS A 650 2.29 -20.43 -13.64
N ARG A 651 2.54 -20.99 -12.46
CA ARG A 651 2.34 -20.24 -11.23
C ARG A 651 3.32 -19.07 -11.12
N PHE A 652 4.57 -19.29 -11.51
CA PHE A 652 5.53 -18.19 -11.47
C PHE A 652 5.15 -17.07 -12.43
N TYR A 653 4.70 -17.42 -13.64
CA TYR A 653 4.33 -16.38 -14.59
C TYR A 653 3.06 -15.67 -14.17
N ARG A 654 2.15 -16.37 -13.48
CA ARG A 654 0.99 -15.69 -12.90
C ARG A 654 1.42 -14.72 -11.81
N LEU A 655 2.36 -15.11 -10.96
CA LEU A 655 2.88 -14.20 -9.95
C LEU A 655 3.54 -12.99 -10.60
N ALA A 656 4.31 -13.21 -11.67
CA ALA A 656 4.95 -12.10 -12.37
C ALA A 656 3.91 -11.17 -13.00
N ASN A 657 2.84 -11.73 -13.54
CA ASN A 657 1.77 -10.90 -14.09
C ASN A 657 1.11 -10.07 -13.01
N GLU A 658 0.85 -10.65 -11.84
CA GLU A 658 0.28 -9.88 -10.75
C GLU A 658 1.23 -8.79 -10.28
N CYS A 659 2.52 -9.08 -10.23
CA CYS A 659 3.51 -8.07 -9.84
C CYS A 659 3.55 -6.93 -10.85
N ALA A 660 3.49 -7.26 -12.15
CA ALA A 660 3.54 -6.23 -13.18
C ALA A 660 2.26 -5.40 -13.22
N GLN A 661 1.11 -6.00 -12.94
CA GLN A 661 -0.17 -5.31 -13.03
C GLN A 661 -0.66 -4.78 -11.70
N VAL A 662 0.06 -5.00 -10.60
CA VAL A 662 -0.32 -4.45 -9.31
C VAL A 662 0.87 -3.73 -8.67
N LEU A 663 1.99 -4.45 -8.52
CA LEU A 663 3.08 -3.96 -7.70
C LEU A 663 3.90 -2.88 -8.40
N SER A 664 4.08 -2.98 -9.71
CA SER A 664 4.89 -2.05 -10.48
C SER A 664 4.08 -1.47 -11.63
N GLU A 665 2.88 -1.00 -11.32
CA GLU A 665 1.94 -0.54 -12.33
C GLU A 665 2.47 0.69 -13.06
N MET A 666 1.81 1.00 -14.16
CA MET A 666 1.94 2.29 -14.84
C MET A 666 0.71 3.11 -14.50
N VAL A 667 0.91 4.22 -13.78
CA VAL A 667 -0.18 5.04 -13.27
C VAL A 667 -0.49 6.12 -14.29
N MET A 668 -1.75 6.13 -14.75
CA MET A 668 -2.24 7.13 -15.69
C MET A 668 -2.86 8.26 -14.87
N CYS A 669 -1.98 9.08 -14.29
CA CYS A 669 -2.38 10.12 -13.35
C CYS A 669 -2.43 11.47 -14.05
N GLY A 670 -3.60 12.11 -14.03
CA GLY A 670 -3.74 13.45 -14.58
C GLY A 670 -3.34 13.58 -16.04
N GLY A 671 -3.41 12.50 -16.80
CA GLY A 671 -3.01 12.51 -18.19
C GLY A 671 -1.55 12.22 -18.44
N SER A 672 -0.82 11.69 -17.46
CA SER A 672 0.59 11.40 -17.62
C SER A 672 0.92 10.06 -17.00
N LEU A 673 1.95 9.41 -17.53
CA LEU A 673 2.34 8.08 -17.06
C LEU A 673 3.45 8.18 -16.03
N TYR A 674 3.17 7.69 -14.82
CA TYR A 674 4.16 7.57 -13.77
C TYR A 674 4.34 6.09 -13.44
N VAL A 675 5.36 5.79 -12.64
CA VAL A 675 5.64 4.42 -12.21
C VAL A 675 5.37 4.31 -10.72
N LYS A 676 4.55 3.34 -10.35
CA LYS A 676 4.21 3.14 -8.94
C LYS A 676 5.34 2.42 -8.24
N PRO A 677 5.91 2.99 -7.18
CA PRO A 677 6.98 2.27 -6.45
C PRO A 677 6.52 0.96 -5.86
N GLY A 678 5.27 0.87 -5.42
CA GLY A 678 4.75 -0.37 -4.86
C GLY A 678 3.40 -0.20 -4.21
N GLY A 679 3.15 -0.93 -3.13
CA GLY A 679 1.88 -0.84 -2.42
C GLY A 679 0.82 -1.76 -2.99
N THR A 680 -0.45 -1.39 -2.81
CA THR A 680 -1.57 -2.16 -3.33
C THR A 680 -2.52 -1.24 -4.08
N SER A 681 -3.15 -1.78 -5.11
CA SER A 681 -4.15 -1.04 -5.88
C SER A 681 -5.51 -1.21 -5.23
N SER A 682 -6.16 -0.10 -4.90
CA SER A 682 -7.49 -0.15 -4.30
C SER A 682 -8.54 -0.70 -5.25
N GLY A 683 -8.24 -0.75 -6.55
CA GLY A 683 -9.16 -1.31 -7.52
C GLY A 683 -8.77 -2.69 -7.99
N ASP A 684 -7.89 -3.34 -7.24
CA ASP A 684 -7.44 -4.68 -7.60
C ASP A 684 -8.54 -5.70 -7.33
N ALA A 685 -8.37 -6.89 -7.91
CA ALA A 685 -9.35 -7.95 -7.72
C ALA A 685 -9.27 -8.56 -6.33
N THR A 686 -8.06 -8.70 -5.80
CA THR A 686 -7.85 -9.36 -4.51
C THR A 686 -7.23 -8.42 -3.48
N THR A 687 -7.75 -7.20 -3.39
CA THR A 687 -7.20 -6.25 -2.42
C THR A 687 -7.50 -6.68 -0.99
N ALA A 688 -8.75 -7.00 -0.70
CA ALA A 688 -9.14 -7.32 0.67
C ALA A 688 -8.47 -8.60 1.17
N TYR A 689 -8.37 -9.61 0.31
CA TYR A 689 -7.83 -10.90 0.75
C TYR A 689 -6.31 -10.85 0.91
N ALA A 690 -5.62 -10.16 0.01
CA ALA A 690 -4.19 -9.95 0.20
C ALA A 690 -3.93 -9.10 1.44
N ASN A 691 -4.79 -8.12 1.69
CA ASN A 691 -4.67 -7.32 2.91
C ASN A 691 -4.86 -8.19 4.15
N SER A 692 -5.82 -9.12 4.11
CA SER A 692 -6.03 -10.02 5.24
C SER A 692 -4.82 -10.92 5.47
N VAL A 693 -4.24 -11.45 4.39
CA VAL A 693 -3.04 -12.26 4.51
C VAL A 693 -1.90 -11.45 5.13
N PHE A 694 -1.75 -10.20 4.68
CA PHE A 694 -0.70 -9.33 5.23
C PHE A 694 -0.93 -9.05 6.71
N ASN A 695 -2.19 -8.84 7.11
CA ASN A 695 -2.50 -8.60 8.51
C ASN A 695 -2.18 -9.82 9.37
N ILE A 696 -2.56 -11.01 8.90
CA ILE A 696 -2.24 -12.23 9.66
C ILE A 696 -0.74 -12.43 9.73
N CYS A 697 -0.02 -12.08 8.65
CA CYS A 697 1.44 -12.17 8.67
C CYS A 697 2.02 -11.24 9.72
N GLN A 698 1.53 -10.01 9.79
CA GLN A 698 2.05 -9.07 10.78
C GLN A 698 1.76 -9.55 12.19
N ALA A 699 0.56 -10.08 12.43
CA ALA A 699 0.24 -10.58 13.76
C ALA A 699 1.10 -11.78 14.15
N VAL A 700 1.33 -12.71 13.22
CA VAL A 700 2.16 -13.86 13.53
C VAL A 700 3.61 -13.44 13.75
N THR A 701 4.09 -12.46 12.98
CA THR A 701 5.44 -11.94 13.20
C THR A 701 5.55 -11.29 14.56
N ALA A 702 4.54 -10.53 14.97
CA ALA A 702 4.56 -9.93 16.30
C ALA A 702 4.58 -10.99 17.39
N ASN A 703 3.79 -12.06 17.22
CA ASN A 703 3.80 -13.14 18.20
C ASN A 703 5.16 -13.82 18.27
N VAL A 704 5.78 -14.08 17.12
CA VAL A 704 7.09 -14.72 17.10
C VAL A 704 8.12 -13.84 17.78
N ASN A 705 8.10 -12.53 17.47
CA ASN A 705 9.04 -11.60 18.09
C ASN A 705 8.83 -11.53 19.60
N ALA A 706 7.58 -11.49 20.05
CA ALA A 706 7.30 -11.44 21.48
C ALA A 706 7.78 -12.70 22.19
N LEU A 707 7.58 -13.86 21.57
CA LEU A 707 7.99 -15.10 22.22
C LEU A 707 9.49 -15.28 22.22
N LEU A 708 10.18 -14.84 21.15
CA LEU A 708 11.63 -14.98 21.10
C LEU A 708 12.34 -13.95 21.96
N SER A 709 11.82 -12.73 22.06
CA SER A 709 12.45 -11.70 22.87
C SER A 709 12.26 -11.93 24.37
N THR A 710 11.43 -12.89 24.76
CA THR A 710 11.27 -13.21 26.17
C THR A 710 12.57 -13.79 26.72
N ASP A 711 12.84 -13.49 28.00
CA ASP A 711 14.08 -13.91 28.62
C ASP A 711 14.23 -15.43 28.62
N GLY A 712 13.13 -16.17 28.68
CA GLY A 712 13.20 -17.63 28.67
C GLY A 712 13.54 -18.27 29.99
N ASN A 713 14.61 -17.81 30.63
CA ASN A 713 14.99 -18.36 31.92
C ASN A 713 13.96 -18.05 33.00
N LYS A 714 13.21 -16.96 32.83
CA LYS A 714 12.19 -16.57 33.79
C LYS A 714 10.82 -17.17 33.51
N ILE A 715 10.68 -17.93 32.42
CA ILE A 715 9.40 -18.56 32.11
C ILE A 715 9.17 -19.73 33.07
N ALA A 716 8.01 -19.73 33.72
CA ALA A 716 7.68 -20.74 34.71
C ALA A 716 7.00 -21.97 34.11
N ASP A 717 6.71 -21.96 32.81
CA ASP A 717 6.03 -23.05 32.15
C ASP A 717 7.04 -23.82 31.30
N LYS A 718 7.15 -25.13 31.56
CA LYS A 718 8.07 -25.96 30.78
C LYS A 718 7.62 -26.06 29.33
N TYR A 719 6.31 -26.17 29.11
CA TYR A 719 5.81 -26.31 27.74
C TYR A 719 6.11 -25.08 26.90
N VAL A 720 5.91 -23.89 27.46
CA VAL A 720 6.16 -22.66 26.70
C VAL A 720 7.65 -22.49 26.44
N ARG A 721 8.50 -22.85 27.41
CA ARG A 721 9.94 -22.77 27.19
C ARG A 721 10.39 -23.72 26.10
N ASN A 722 9.86 -24.96 26.11
CA ASN A 722 10.19 -25.90 25.04
C ASN A 722 9.67 -25.41 23.70
N LEU A 723 8.49 -24.80 23.69
CA LEU A 723 7.95 -24.23 22.45
C LEU A 723 8.86 -23.13 21.93
N GLN A 724 9.38 -22.28 22.81
CA GLN A 724 10.28 -21.21 22.39
C GLN A 724 11.59 -21.79 21.84
N HIS A 725 12.15 -22.79 22.51
CA HIS A 725 13.39 -23.39 22.03
C HIS A 725 13.18 -24.04 20.66
N ARG A 726 12.08 -24.75 20.49
CA ARG A 726 11.79 -25.37 19.20
C ARG A 726 11.50 -24.32 18.14
N LEU A 727 10.88 -23.20 18.52
CA LEU A 727 10.65 -22.11 17.57
C LEU A 727 11.98 -21.56 17.06
N TYR A 728 12.92 -21.34 17.97
CA TYR A 728 14.22 -20.81 17.53
C TYR A 728 14.95 -21.82 16.66
N GLU A 729 14.94 -23.10 17.05
CA GLU A 729 15.71 -24.07 16.26
C GLU A 729 15.02 -24.46 14.95
N CYS A 730 13.71 -24.24 14.84
CA CYS A 730 13.03 -24.42 13.56
C CYS A 730 12.99 -23.14 12.74
N LEU A 731 13.39 -22.02 13.32
CA LEU A 731 13.34 -20.74 12.63
C LEU A 731 14.68 -20.36 12.00
N TYR A 732 15.75 -20.36 12.80
CA TYR A 732 17.07 -19.99 12.31
C TYR A 732 18.04 -21.17 12.21
N ARG A 733 17.56 -22.40 12.37
CA ARG A 733 18.42 -23.57 12.27
C ARG A 733 17.86 -24.71 11.43
N ASN A 734 16.59 -24.69 11.06
CA ASN A 734 15.96 -25.76 10.29
C ASN A 734 15.62 -25.25 8.90
N ARG A 735 16.07 -25.97 7.88
CA ARG A 735 15.87 -25.53 6.51
C ARG A 735 14.49 -25.92 5.99
N ASP A 736 14.19 -27.21 5.97
CA ASP A 736 12.92 -27.68 5.45
C ASP A 736 11.79 -27.33 6.42
N VAL A 737 10.56 -27.37 5.89
CA VAL A 737 9.39 -27.04 6.70
C VAL A 737 9.12 -28.17 7.67
N ASP A 738 8.98 -27.84 8.95
CA ASP A 738 8.64 -28.79 10.00
C ASP A 738 7.14 -28.69 10.25
N THR A 739 6.38 -29.61 9.65
CA THR A 739 4.93 -29.52 9.73
C THR A 739 4.41 -29.76 11.15
N ASP A 740 5.09 -30.62 11.92
CA ASP A 740 4.64 -30.89 13.28
C ASP A 740 4.71 -29.62 14.14
N PHE A 741 5.84 -28.93 14.12
CA PHE A 741 5.94 -27.73 14.94
C PHE A 741 5.11 -26.59 14.38
N VAL A 742 4.91 -26.53 13.07
CA VAL A 742 4.01 -25.52 12.51
C VAL A 742 2.60 -25.75 13.03
N ASN A 743 2.15 -27.01 13.05
CA ASN A 743 0.84 -27.32 13.61
C ASN A 743 0.77 -26.95 15.09
N GLU A 744 1.82 -27.27 15.84
CA GLU A 744 1.82 -27.00 17.28
C GLU A 744 1.75 -25.50 17.55
N PHE A 745 2.56 -24.71 16.85
CA PHE A 745 2.57 -23.27 17.06
C PHE A 745 1.27 -22.63 16.58
N TYR A 746 0.70 -23.13 15.49
CA TYR A 746 -0.59 -22.63 15.04
C TYR A 746 -1.69 -22.91 16.06
N ALA A 747 -1.68 -24.10 16.66
CA ALA A 747 -2.64 -24.41 17.72
C ALA A 747 -2.41 -23.53 18.94
N TYR A 748 -1.15 -23.27 19.29
CA TYR A 748 -0.84 -22.39 20.41
C TYR A 748 -1.41 -21.00 20.17
N LEU A 749 -1.19 -20.44 18.98
CA LEU A 749 -1.75 -19.12 18.67
C LEU A 749 -3.27 -19.16 18.69
N ARG A 750 -3.88 -20.16 18.06
CA ARG A 750 -5.34 -20.24 18.04
C ARG A 750 -5.91 -20.35 19.44
N LYS A 751 -5.18 -20.95 20.37
CA LYS A 751 -5.69 -21.05 21.74
C LYS A 751 -5.50 -19.75 22.50
N HIS A 752 -4.33 -19.12 22.40
CA HIS A 752 -4.01 -17.96 23.22
C HIS A 752 -4.08 -16.63 22.47
N PHE A 753 -4.31 -16.66 21.16
CA PHE A 753 -4.36 -15.43 20.37
C PHE A 753 -5.44 -15.62 19.29
N SER A 754 -6.68 -15.27 19.62
CA SER A 754 -7.79 -15.46 18.71
C SER A 754 -8.00 -14.17 17.90
N MET A 755 -7.96 -14.29 16.58
CA MET A 755 -8.01 -13.13 15.71
C MET A 755 -9.29 -13.12 14.88
N MET A 756 -9.84 -11.93 14.72
CA MET A 756 -10.91 -11.67 13.76
C MET A 756 -10.38 -10.58 12.83
N ILE A 757 -10.16 -10.94 11.56
CA ILE A 757 -9.46 -10.10 10.60
C ILE A 757 -10.40 -9.81 9.44
N LEU A 758 -10.54 -8.52 9.11
CA LEU A 758 -11.14 -8.12 7.83
C LEU A 758 -10.19 -7.07 7.24
N SER A 759 -9.11 -7.57 6.62
CA SER A 759 -8.27 -6.91 5.62
C SER A 759 -7.54 -5.67 6.15
N ASP A 760 -8.11 -5.02 7.16
CA ASP A 760 -7.40 -4.04 7.97
C ASP A 760 -7.82 -4.06 9.41
N ASP A 761 -9.02 -4.51 9.73
CA ASP A 761 -9.58 -4.42 11.07
C ASP A 761 -9.33 -5.75 11.77
N ALA A 762 -8.61 -5.69 12.88
CA ALA A 762 -8.24 -6.88 13.64
C ALA A 762 -8.72 -6.73 15.07
N VAL A 763 -9.51 -7.69 15.53
CA VAL A 763 -9.89 -7.79 16.93
C VAL A 763 -9.25 -9.05 17.49
N VAL A 764 -8.44 -8.90 18.52
CA VAL A 764 -7.66 -10.00 19.08
C VAL A 764 -8.12 -10.24 20.51
N CYS A 765 -8.56 -11.44 20.79
CA CYS A 765 -8.81 -11.90 22.16
C CYS A 765 -7.58 -12.68 22.59
N PHE A 766 -6.86 -12.16 23.58
CA PHE A 766 -5.60 -12.76 23.98
C PHE A 766 -5.57 -13.00 25.48
N ASN A 767 -4.82 -14.02 25.87
CA ASN A 767 -4.60 -14.34 27.28
C ASN A 767 -3.84 -13.20 27.93
N SER A 768 -4.47 -12.56 28.92
CA SER A 768 -3.85 -11.40 29.58
C SER A 768 -2.56 -11.79 30.29
N THR A 769 -2.57 -12.93 31.01
CA THR A 769 -1.39 -13.32 31.77
C THR A 769 -0.21 -13.64 30.86
N TYR A 770 -0.46 -14.36 29.76
CA TYR A 770 0.62 -14.73 28.86
C TYR A 770 1.23 -13.50 28.20
N ALA A 771 0.39 -12.54 27.78
CA ALA A 771 0.92 -11.31 27.21
C ALA A 771 1.68 -10.51 28.26
N SER A 772 1.20 -10.52 29.51
CA SER A 772 1.91 -9.82 30.59
C SER A 772 3.30 -10.41 30.81
N GLN A 773 3.41 -11.74 30.80
CA GLN A 773 4.72 -12.37 30.92
C GLN A 773 5.56 -12.24 29.65
N GLY A 774 4.95 -11.85 28.53
CA GLY A 774 5.66 -11.71 27.28
C GLY A 774 5.62 -12.92 26.36
N LEU A 775 4.72 -13.86 26.60
CA LEU A 775 4.57 -15.03 25.74
C LEU A 775 3.65 -14.79 24.56
N VAL A 776 3.04 -13.60 24.48
CA VAL A 776 2.03 -13.29 23.48
C VAL A 776 2.16 -11.82 23.11
N ALA A 777 1.93 -11.51 21.85
CA ALA A 777 2.14 -10.16 21.33
C ALA A 777 1.19 -9.16 21.98
N SER A 778 1.68 -7.92 22.12
CA SER A 778 0.89 -6.80 22.62
C SER A 778 1.05 -5.61 21.70
N ILE A 779 0.57 -4.43 22.12
CA ILE A 779 0.67 -3.23 21.29
C ILE A 779 2.12 -2.88 21.02
N LYS A 780 2.99 -3.05 22.02
CA LYS A 780 4.40 -2.73 21.83
C LYS A 780 5.04 -3.60 20.76
N ASN A 781 4.69 -4.90 20.76
CA ASN A 781 5.26 -5.80 19.75
C ASN A 781 4.79 -5.43 18.35
N PHE A 782 3.51 -5.10 18.20
CA PHE A 782 2.99 -4.68 16.90
C PHE A 782 3.63 -3.37 16.44
N LYS A 783 3.84 -2.43 17.36
CA LYS A 783 4.52 -1.19 17.01
C LYS A 783 5.94 -1.46 16.54
N SER A 784 6.66 -2.32 17.25
CA SER A 784 8.02 -2.65 16.84
C SER A 784 8.04 -3.31 15.47
N VAL A 785 7.12 -4.24 15.24
CA VAL A 785 7.07 -4.96 13.96
C VAL A 785 6.77 -3.98 12.83
N LEU A 786 5.79 -3.11 13.03
CA LEU A 786 5.47 -2.12 12.01
C LEU A 786 6.64 -1.18 11.76
N TYR A 787 7.41 -0.86 12.80
CA TYR A 787 8.56 0.02 12.62
C TYR A 787 9.64 -0.64 11.77
N TYR A 788 10.00 -1.88 12.08
CA TYR A 788 11.13 -2.48 11.38
C TYR A 788 10.74 -3.28 10.14
N GLN A 789 9.44 -3.48 9.89
CA GLN A 789 8.99 -4.18 8.68
C GLN A 789 8.18 -3.26 7.77
N ASN A 790 7.11 -2.66 8.29
CA ASN A 790 6.25 -1.80 7.48
C ASN A 790 6.80 -0.39 7.31
N ASN A 791 7.87 -0.04 8.05
CA ASN A 791 8.50 1.28 7.96
C ASN A 791 7.50 2.40 8.26
N VAL A 792 6.61 2.17 9.21
CA VAL A 792 5.68 3.18 9.67
C VAL A 792 5.59 3.10 11.19
N PHE A 793 5.54 4.27 11.84
CA PHE A 793 5.42 4.33 13.29
C PHE A 793 3.95 4.26 13.67
N MET A 794 3.60 3.28 14.50
CA MET A 794 2.24 3.10 14.97
C MET A 794 2.08 3.78 16.33
N SER A 795 1.15 4.73 16.39
CA SER A 795 0.93 5.50 17.61
C SER A 795 -0.16 4.86 18.46
N GLU A 796 -0.09 5.11 19.77
CA GLU A 796 -1.04 4.54 20.71
C GLU A 796 -2.43 5.14 20.57
N ALA A 797 -2.58 6.25 19.83
CA ALA A 797 -3.89 6.87 19.68
C ALA A 797 -4.80 6.06 18.75
N LYS A 798 -4.22 5.35 17.79
CA LYS A 798 -4.97 4.57 16.83
C LYS A 798 -5.17 3.11 17.25
N CYS A 799 -4.73 2.75 18.45
CA CYS A 799 -4.85 1.39 18.97
C CYS A 799 -5.62 1.41 20.28
N TRP A 800 -6.37 0.34 20.52
CA TRP A 800 -7.22 0.25 21.70
C TRP A 800 -7.06 -1.11 22.38
N THR A 801 -7.31 -1.12 23.69
CA THR A 801 -7.30 -2.34 24.48
C THR A 801 -8.51 -2.30 25.42
N GLU A 802 -9.17 -3.44 25.55
CA GLU A 802 -10.37 -3.57 26.37
C GLU A 802 -10.16 -4.68 27.40
N THR A 803 -10.46 -4.36 28.66
CA THR A 803 -10.30 -5.30 29.76
C THR A 803 -11.55 -6.14 29.99
N ASP A 804 -12.73 -5.53 29.96
CA ASP A 804 -13.99 -6.22 30.21
C ASP A 804 -14.61 -6.61 28.89
N LEU A 805 -14.83 -7.91 28.70
CA LEU A 805 -15.43 -8.39 27.46
C LEU A 805 -16.87 -7.97 27.29
N THR A 806 -17.58 -7.69 28.38
CA THR A 806 -18.97 -7.25 28.27
C THR A 806 -19.08 -5.94 27.51
N LYS A 807 -18.05 -5.09 27.61
CA LYS A 807 -18.03 -3.88 26.80
C LYS A 807 -17.82 -4.20 25.32
N GLY A 808 -17.11 -5.28 25.02
CA GLY A 808 -16.85 -5.67 23.65
C GLY A 808 -15.75 -4.86 23.02
N PRO A 809 -15.50 -5.10 21.73
CA PRO A 809 -14.48 -4.30 21.03
C PRO A 809 -14.84 -2.83 21.00
N HIS A 810 -13.82 -1.98 21.15
CA HIS A 810 -14.05 -0.54 21.10
C HIS A 810 -14.53 -0.11 19.72
N GLU A 811 -13.93 -0.67 18.66
CA GLU A 811 -14.31 -0.31 17.30
C GLU A 811 -13.82 -1.40 16.36
N PHE A 812 -14.74 -2.01 15.62
CA PHE A 812 -14.41 -2.96 14.55
C PHE A 812 -15.26 -2.62 13.34
N CYS A 813 -14.61 -2.37 12.21
CA CYS A 813 -15.29 -1.94 10.98
C CYS A 813 -16.13 -0.69 11.23
N SER A 814 -15.56 0.25 12.00
CA SER A 814 -16.20 1.53 12.31
C SER A 814 -17.54 1.33 13.03
N GLN A 815 -17.66 0.27 13.82
CA GLN A 815 -18.85 0.00 14.61
C GLN A 815 -18.45 -0.23 16.05
N HIS A 816 -19.23 0.31 16.98
CA HIS A 816 -19.05 0.03 18.39
C HIS A 816 -19.97 -1.09 18.82
N THR A 817 -19.58 -1.82 19.87
CA THR A 817 -20.30 -3.00 20.33
C THR A 817 -20.87 -2.76 21.72
N MET A 818 -22.10 -3.20 21.94
CA MET A 818 -22.73 -3.10 23.25
C MET A 818 -23.53 -4.35 23.55
N LEU A 819 -23.67 -4.67 24.83
CA LEU A 819 -24.42 -5.84 25.27
C LEU A 819 -25.84 -5.43 25.61
N VAL A 820 -26.82 -6.07 24.97
CA VAL A 820 -28.22 -5.69 25.09
C VAL A 820 -29.08 -6.91 25.39
N LYS A 821 -30.29 -6.65 25.85
CA LYS A 821 -31.26 -7.69 26.18
C LYS A 821 -32.17 -7.99 24.99
N GLN A 822 -32.20 -9.25 24.58
CA GLN A 822 -33.17 -9.74 23.60
C GLN A 822 -33.54 -11.16 23.98
N GLY A 823 -34.84 -11.38 24.26
CA GLY A 823 -35.33 -12.70 24.58
C GLY A 823 -34.64 -13.34 25.77
N ASP A 824 -34.46 -12.57 26.85
CA ASP A 824 -33.74 -13.00 28.05
C ASP A 824 -32.30 -13.37 27.76
N ASP A 825 -31.73 -12.87 26.66
CA ASP A 825 -30.37 -13.18 26.27
C ASP A 825 -29.57 -11.90 26.10
N TYR A 826 -28.36 -11.90 26.65
CA TYR A 826 -27.43 -10.80 26.44
C TYR A 826 -26.70 -11.02 25.12
N VAL A 827 -27.01 -10.21 24.11
CA VAL A 827 -26.40 -10.34 22.80
C VAL A 827 -25.58 -9.08 22.52
N TYR A 828 -24.56 -9.25 21.68
CA TYR A 828 -23.73 -8.13 21.25
C TYR A 828 -24.34 -7.49 20.02
N LEU A 829 -24.47 -6.16 20.06
CA LEU A 829 -25.17 -5.42 19.03
C LEU A 829 -24.27 -4.26 18.60
N PRO A 830 -24.04 -4.09 17.30
CA PRO A 830 -23.17 -3.00 16.84
C PRO A 830 -23.94 -1.75 16.45
N TYR A 831 -23.41 -0.58 16.82
CA TYR A 831 -24.00 0.69 16.42
C TYR A 831 -22.94 1.59 15.84
N PRO A 832 -23.31 2.46 14.89
CA PRO A 832 -22.33 3.36 14.28
C PRO A 832 -22.23 4.69 14.99
N ASP A 833 -21.34 5.55 14.51
CA ASP A 833 -21.26 6.91 15.04
C ASP A 833 -22.49 7.70 14.63
N PRO A 834 -23.22 8.31 15.56
CA PRO A 834 -24.39 9.11 15.17
C PRO A 834 -24.02 10.27 14.27
N SER A 835 -22.82 10.84 14.43
CA SER A 835 -22.38 11.91 13.55
C SER A 835 -22.26 11.42 12.11
N ARG A 836 -21.77 10.20 11.92
CA ARG A 836 -21.66 9.64 10.57
C ARG A 836 -23.03 9.48 9.91
N ILE A 837 -23.99 8.94 10.66
CA ILE A 837 -25.33 8.74 10.12
C ILE A 837 -25.99 10.08 9.81
N LEU A 838 -25.86 11.04 10.71
CA LEU A 838 -26.44 12.36 10.47
C LEU A 838 -25.79 13.06 9.28
N GLY A 839 -24.48 12.93 9.13
CA GLY A 839 -23.81 13.52 7.99
C GLY A 839 -24.21 12.86 6.68
N ALA A 840 -24.41 11.54 6.70
CA ALA A 840 -24.92 10.87 5.51
C ALA A 840 -26.31 11.35 5.16
N GLY A 841 -27.15 11.57 6.17
CA GLY A 841 -28.48 12.08 5.90
C GLY A 841 -28.47 13.50 5.37
N CYS A 842 -27.63 14.36 5.94
CA CYS A 842 -27.65 15.78 5.58
C CYS A 842 -27.01 16.05 4.23
N PHE A 843 -25.90 15.39 3.92
CA PHE A 843 -25.13 15.66 2.72
C PHE A 843 -25.22 14.48 1.77
N VAL A 844 -25.77 14.72 0.58
CA VAL A 844 -25.93 13.69 -0.43
C VAL A 844 -24.90 13.92 -1.53
N ASP A 845 -24.68 12.87 -2.33
CA ASP A 845 -23.61 12.90 -3.32
C ASP A 845 -23.92 13.90 -4.44
N ASP A 846 -25.13 13.85 -5.00
CA ASP A 846 -25.54 14.76 -6.05
C ASP A 846 -26.97 15.25 -5.77
N ILE A 847 -27.39 16.26 -6.52
CA ILE A 847 -28.69 16.85 -6.31
C ILE A 847 -29.83 15.90 -6.67
N VAL A 848 -29.56 14.89 -7.49
CA VAL A 848 -30.60 13.91 -7.84
C VAL A 848 -31.12 13.22 -6.59
N LYS A 849 -30.29 13.11 -5.55
CA LYS A 849 -30.69 12.54 -4.28
C LYS A 849 -31.02 13.63 -3.25
N THR A 850 -31.67 14.72 -3.66
CA THR A 850 -32.17 15.69 -2.70
C THR A 850 -33.68 15.61 -2.51
N ASP A 851 -34.40 15.00 -3.45
CA ASP A 851 -35.86 14.89 -3.35
C ASP A 851 -36.34 13.81 -4.31
N GLY A 852 -37.40 13.12 -3.92
CA GLY A 852 -38.02 12.11 -4.75
C GLY A 852 -38.25 10.83 -3.98
N THR A 853 -38.65 9.79 -4.72
CA THR A 853 -38.89 8.48 -4.11
C THR A 853 -37.61 7.88 -3.56
N LEU A 854 -36.50 8.00 -4.31
CA LEU A 854 -35.24 7.40 -3.90
C LEU A 854 -34.84 7.78 -2.49
N MET A 855 -35.15 9.02 -2.08
CA MET A 855 -34.83 9.47 -0.73
C MET A 855 -35.27 8.46 0.31
N ILE A 856 -36.53 8.00 0.20
CA ILE A 856 -37.04 7.02 1.15
C ILE A 856 -36.05 5.87 1.31
N GLU A 857 -35.73 5.20 0.18
CA GLU A 857 -34.84 4.06 0.25
C GLU A 857 -33.55 4.43 0.97
N ARG A 858 -32.95 5.56 0.60
CA ARG A 858 -31.73 6.02 1.27
C ARG A 858 -31.91 5.98 2.77
N PHE A 859 -32.89 6.72 3.28
CA PHE A 859 -33.06 6.81 4.72
C PHE A 859 -33.39 5.46 5.33
N VAL A 860 -34.14 4.63 4.61
CA VAL A 860 -34.44 3.30 5.13
C VAL A 860 -33.15 2.57 5.43
N SER A 861 -32.21 2.57 4.47
CA SER A 861 -30.93 1.92 4.73
C SER A 861 -30.24 2.54 5.93
N LEU A 862 -30.25 3.87 6.02
CA LEU A 862 -29.67 4.52 7.19
C LEU A 862 -30.40 4.12 8.46
N ALA A 863 -31.72 4.07 8.41
CA ALA A 863 -32.48 3.67 9.59
C ALA A 863 -32.24 2.21 9.92
N ILE A 864 -31.78 1.42 8.95
CA ILE A 864 -31.39 0.04 9.24
C ILE A 864 -30.05 0.01 9.97
N ASP A 865 -29.15 0.92 9.61
CA ASP A 865 -27.80 0.87 10.17
C ASP A 865 -27.74 1.55 11.54
N ALA A 866 -28.65 2.48 11.83
CA ALA A 866 -28.61 3.25 13.06
C ALA A 866 -29.76 2.89 14.01
N TYR A 867 -30.36 1.72 13.83
CA TYR A 867 -31.34 1.25 14.80
C TYR A 867 -30.75 1.00 16.19
N PRO A 868 -29.59 0.33 16.33
CA PRO A 868 -29.15 -0.05 17.69
C PRO A 868 -28.95 1.12 18.63
N LEU A 869 -28.83 2.35 18.13
CA LEU A 869 -28.62 3.49 19.01
C LEU A 869 -29.77 3.66 20.01
N THR A 870 -30.93 3.06 19.74
CA THR A 870 -32.02 3.12 20.70
C THR A 870 -31.66 2.43 22.01
N LYS A 871 -30.84 1.38 21.97
CA LYS A 871 -30.42 0.70 23.18
C LYS A 871 -29.28 1.41 23.90
N HIS A 872 -28.68 2.42 23.28
CA HIS A 872 -27.59 3.14 23.93
C HIS A 872 -28.11 3.90 25.15
N PRO A 873 -27.36 3.93 26.25
CA PRO A 873 -27.81 4.70 27.42
C PRO A 873 -27.95 6.18 27.15
N ASN A 874 -27.11 6.75 26.31
CA ASN A 874 -27.19 8.16 25.99
C ASN A 874 -28.47 8.45 25.22
N GLN A 875 -29.16 9.53 25.60
CA GLN A 875 -30.50 9.77 25.07
C GLN A 875 -30.46 10.31 23.65
N GLU A 876 -29.47 11.13 23.30
CA GLU A 876 -29.39 11.69 21.95
C GLU A 876 -29.21 10.58 20.91
N TYR A 877 -28.37 9.58 21.23
CA TYR A 877 -28.19 8.47 20.33
C TYR A 877 -29.51 7.75 20.08
N ALA A 878 -30.26 7.50 21.15
CA ALA A 878 -31.56 6.85 21.00
C ALA A 878 -32.53 7.71 20.20
N ASP A 879 -32.43 9.03 20.33
CA ASP A 879 -33.32 9.92 19.58
C ASP A 879 -32.94 10.02 18.11
N VAL A 880 -31.71 9.66 17.75
CA VAL A 880 -31.31 9.70 16.34
C VAL A 880 -32.20 8.77 15.50
N PHE A 881 -32.41 7.54 15.99
CA PHE A 881 -33.22 6.59 15.22
C PHE A 881 -34.67 7.03 15.12
N HIS A 882 -35.21 7.60 16.21
CA HIS A 882 -36.58 8.11 16.16
C HIS A 882 -36.68 9.29 15.21
N LEU A 883 -35.65 10.13 15.16
CA LEU A 883 -35.59 11.19 14.16
C LEU A 883 -35.69 10.61 12.76
N TYR A 884 -34.91 9.57 12.47
CA TYR A 884 -34.95 8.97 11.14
C TYR A 884 -36.31 8.37 10.84
N LEU A 885 -36.93 7.70 11.81
CA LEU A 885 -38.25 7.11 11.59
C LEU A 885 -39.30 8.19 11.31
N GLN A 886 -39.30 9.24 12.12
CA GLN A 886 -40.26 10.33 11.92
C GLN A 886 -40.03 11.03 10.60
N TYR A 887 -38.77 11.19 10.19
CA TYR A 887 -38.51 11.83 8.91
C TYR A 887 -38.98 10.95 7.76
N ILE A 888 -38.78 9.63 7.85
CA ILE A 888 -39.29 8.72 6.83
C ILE A 888 -40.81 8.79 6.76
N ARG A 889 -41.46 8.92 7.91
CA ARG A 889 -42.90 9.12 7.92
C ARG A 889 -43.29 10.42 7.21
N LYS A 890 -42.51 11.48 7.43
CA LYS A 890 -42.83 12.75 6.75
C LYS A 890 -42.62 12.64 5.24
N LEU A 891 -41.59 11.93 4.81
CA LEU A 891 -41.42 11.68 3.37
C LEU A 891 -42.59 10.89 2.81
N HIS A 892 -43.08 9.89 3.54
CA HIS A 892 -44.27 9.18 3.08
C HIS A 892 -45.46 10.12 2.96
N ASP A 893 -45.63 11.01 3.94
CA ASP A 893 -46.74 11.96 3.89
C ASP A 893 -46.60 12.89 2.68
N GLU A 894 -45.39 13.37 2.41
CA GLU A 894 -45.18 14.29 1.29
C GLU A 894 -45.38 13.60 -0.05
N LEU A 895 -44.77 12.44 -0.23
CA LEU A 895 -44.87 11.73 -1.51
C LEU A 895 -46.31 11.34 -1.81
N THR A 896 -47.03 10.83 -0.82
CA THR A 896 -48.41 10.39 -1.02
C THR A 896 -49.39 11.49 -0.65
N ASP A 910 -50.68 0.13 2.12
CA ASP A 910 -50.47 -0.26 3.50
C ASP A 910 -49.19 -1.08 3.65
N ASN A 911 -48.67 -1.56 2.51
CA ASN A 911 -47.41 -2.31 2.54
C ASN A 911 -46.25 -1.44 2.99
N THR A 912 -46.21 -0.19 2.51
CA THR A 912 -45.14 0.74 2.86
C THR A 912 -45.20 1.19 4.31
N SER A 913 -46.33 0.98 5.00
CA SER A 913 -46.46 1.40 6.39
C SER A 913 -45.44 0.72 7.30
N ARG A 914 -44.89 -0.42 6.89
CA ARG A 914 -43.85 -1.09 7.66
C ARG A 914 -42.54 -0.32 7.70
N TYR A 915 -42.39 0.73 6.88
CA TYR A 915 -41.11 1.43 6.80
C TYR A 915 -40.81 2.22 8.07
N TRP A 916 -41.83 2.80 8.71
CA TRP A 916 -41.59 3.61 9.90
C TRP A 916 -41.93 2.89 11.20
N GLU A 917 -42.50 1.69 11.14
CA GLU A 917 -42.70 0.97 12.38
C GLU A 917 -41.38 0.36 12.85
N PRO A 918 -41.10 0.36 14.15
CA PRO A 918 -39.79 -0.14 14.63
C PRO A 918 -39.59 -1.63 14.47
N GLU A 919 -40.65 -2.40 14.17
CA GLU A 919 -40.51 -3.86 14.11
C GLU A 919 -39.68 -4.29 12.89
N PHE A 920 -39.78 -3.54 11.80
CA PHE A 920 -39.04 -3.89 10.59
C PHE A 920 -37.54 -3.87 10.84
N TYR A 921 -37.07 -2.91 11.64
CA TYR A 921 -35.66 -2.84 12.02
C TYR A 921 -35.34 -3.67 13.24
N GLU A 922 -36.34 -3.98 14.07
CA GLU A 922 -36.16 -4.94 15.15
C GLU A 922 -35.80 -6.31 14.60
N ALA A 923 -36.49 -6.74 13.54
CA ALA A 923 -36.26 -8.06 12.97
C ALA A 923 -34.89 -8.19 12.33
N MET A 924 -34.24 -7.09 11.96
CA MET A 924 -32.96 -7.15 11.28
C MET A 924 -31.82 -7.62 12.19
N TYR A 925 -32.03 -7.65 13.50
CA TYR A 925 -30.95 -7.98 14.43
C TYR A 925 -31.31 -9.18 15.32
N THR A 926 -32.25 -10.02 14.90
CA THR A 926 -32.57 -11.24 15.59
C THR A 926 -32.03 -12.45 14.82
N PRO A 927 -31.59 -13.49 15.51
CA PRO A 927 -30.88 -14.59 14.83
C PRO A 927 -31.77 -15.50 14.01
N HIS A 928 -33.02 -15.09 13.75
CA HIS A 928 -33.94 -15.97 13.04
C HIS A 928 -33.43 -16.30 11.63
N THR A 929 -32.91 -15.32 10.92
CA THR A 929 -32.40 -15.55 9.57
C THR A 929 -30.91 -15.30 9.48
N GLU B 96 -21.88 -8.57 -32.12
CA GLU B 96 -20.91 -8.65 -33.21
C GLU B 96 -20.57 -7.27 -33.75
N ASP B 97 -21.58 -6.43 -33.92
CA ASP B 97 -21.35 -5.08 -34.43
C ASP B 97 -20.48 -4.26 -33.47
N LYS B 98 -20.75 -4.37 -32.16
CA LYS B 98 -19.90 -3.71 -31.19
C LYS B 98 -18.47 -4.24 -31.26
N ARG B 99 -18.33 -5.57 -31.41
CA ARG B 99 -17.00 -6.16 -31.52
C ARG B 99 -16.26 -5.62 -32.73
N ALA B 100 -16.93 -5.55 -33.88
CA ALA B 100 -16.27 -5.06 -35.10
C ALA B 100 -15.89 -3.59 -34.96
N LYS B 101 -16.80 -2.77 -34.42
CA LYS B 101 -16.51 -1.35 -34.25
C LYS B 101 -15.33 -1.14 -33.31
N VAL B 102 -15.28 -1.92 -32.21
CA VAL B 102 -14.20 -1.76 -31.25
C VAL B 102 -12.88 -2.25 -31.82
N THR B 103 -12.90 -3.36 -32.58
CA THR B 103 -11.68 -3.79 -33.26
C THR B 103 -11.15 -2.69 -34.17
N SER B 104 -12.05 -2.08 -34.97
CA SER B 104 -11.64 -1.01 -35.86
C SER B 104 -11.10 0.18 -35.08
N ALA B 105 -11.75 0.53 -33.97
CA ALA B 105 -11.31 1.69 -33.19
C ALA B 105 -9.95 1.46 -32.55
N MET B 106 -9.73 0.27 -31.97
CA MET B 106 -8.43 0.01 -31.35
C MET B 106 -7.32 -0.06 -32.40
N GLN B 107 -7.59 -0.69 -33.55
CA GLN B 107 -6.60 -0.70 -34.62
C GLN B 107 -6.29 0.72 -35.08
N THR B 108 -7.32 1.55 -35.22
CA THR B 108 -7.12 2.94 -35.63
C THR B 108 -6.29 3.70 -34.60
N MET B 109 -6.53 3.47 -33.31
CA MET B 109 -5.81 4.21 -32.29
C MET B 109 -4.35 3.75 -32.21
N LEU B 110 -4.11 2.45 -32.38
CA LEU B 110 -2.73 1.95 -32.47
C LEU B 110 -2.01 2.57 -33.66
N PHE B 111 -2.69 2.65 -34.82
CA PHE B 111 -2.09 3.27 -35.99
C PHE B 111 -1.84 4.76 -35.76
N THR B 112 -2.75 5.41 -35.03
CA THR B 112 -2.58 6.84 -34.73
C THR B 112 -1.35 7.07 -33.86
N MET B 113 -1.15 6.22 -32.86
CA MET B 113 0.11 6.30 -32.11
C MET B 113 1.30 6.00 -32.99
N LEU B 114 1.14 5.05 -33.93
CA LEU B 114 2.24 4.68 -34.82
C LEU B 114 2.69 5.87 -35.66
N ARG B 115 1.74 6.63 -36.21
CA ARG B 115 2.10 7.79 -37.03
C ARG B 115 2.79 8.87 -36.21
N LYS B 116 2.49 8.94 -34.91
CA LYS B 116 3.15 9.87 -34.01
C LYS B 116 4.57 9.44 -33.65
N LEU B 117 4.91 8.18 -33.91
CA LEU B 117 6.20 7.63 -33.52
C LEU B 117 7.23 7.87 -34.61
N ASP B 118 8.37 8.43 -34.24
CA ASP B 118 9.45 8.74 -35.16
C ASP B 118 10.57 7.70 -35.00
N ASN B 119 10.95 7.07 -36.11
CA ASN B 119 11.94 6.00 -36.11
C ASN B 119 13.38 6.50 -36.17
N ASP B 120 13.59 7.80 -36.37
CA ASP B 120 14.95 8.32 -36.59
C ASP B 120 15.86 8.01 -35.41
N ALA B 121 15.37 8.19 -34.19
CA ALA B 121 16.15 7.87 -33.00
C ALA B 121 15.85 6.49 -32.44
N LEU B 122 14.62 5.99 -32.61
CA LEU B 122 14.29 4.67 -32.12
C LEU B 122 15.11 3.59 -32.81
N ASN B 123 15.25 3.68 -34.13
CA ASN B 123 16.07 2.71 -34.84
C ASN B 123 17.52 2.76 -34.38
N ASN B 124 18.04 3.97 -34.17
CA ASN B 124 19.42 4.13 -33.74
C ASN B 124 19.64 3.52 -32.37
N ILE B 125 18.74 3.77 -31.42
CA ILE B 125 18.93 3.23 -30.09
C ILE B 125 18.69 1.72 -30.08
N ILE B 126 17.77 1.22 -30.92
CA ILE B 126 17.54 -0.22 -30.99
C ILE B 126 18.78 -0.93 -31.52
N ASN B 127 19.36 -0.40 -32.61
CA ASN B 127 20.59 -0.99 -33.15
C ASN B 127 21.78 -0.78 -32.23
N ASN B 128 21.73 0.22 -31.35
CA ASN B 128 22.79 0.40 -30.37
C ASN B 128 22.84 -0.76 -29.39
N ALA B 129 21.68 -1.27 -28.98
CA ALA B 129 21.63 -2.42 -28.09
C ALA B 129 21.99 -3.69 -28.84
N ARG B 130 22.74 -4.57 -28.16
CA ARG B 130 23.16 -5.81 -28.78
C ARG B 130 22.02 -6.83 -28.84
N ASP B 131 21.19 -6.87 -27.81
CA ASP B 131 20.06 -7.80 -27.79
C ASP B 131 18.92 -7.34 -28.68
N GLY B 132 18.67 -6.04 -28.75
CA GLY B 132 17.50 -5.51 -29.43
C GLY B 132 16.35 -5.15 -28.51
N CYS B 133 16.45 -5.45 -27.22
CA CYS B 133 15.45 -5.06 -26.25
C CYS B 133 15.97 -3.88 -25.44
N VAL B 134 15.13 -2.85 -25.30
CA VAL B 134 15.50 -1.67 -24.52
C VAL B 134 14.39 -1.40 -23.51
N PRO B 135 14.71 -0.83 -22.34
CA PRO B 135 13.65 -0.50 -21.39
C PRO B 135 12.69 0.52 -21.97
N LEU B 136 11.42 0.40 -21.58
CA LEU B 136 10.42 1.34 -22.05
C LEU B 136 10.72 2.75 -21.54
N ASN B 137 11.15 2.87 -20.29
CA ASN B 137 11.30 4.18 -19.65
C ASN B 137 12.36 5.04 -20.32
N ILE B 138 13.21 4.47 -21.17
CA ILE B 138 14.25 5.23 -21.85
C ILE B 138 13.89 5.52 -23.30
N ILE B 139 12.68 5.19 -23.73
CA ILE B 139 12.27 5.51 -25.10
C ILE B 139 12.00 7.01 -25.22
N PRO B 140 11.13 7.61 -24.40
CA PRO B 140 10.97 9.07 -24.49
C PRO B 140 12.23 9.84 -24.14
N LEU B 141 13.07 9.31 -23.25
CA LEU B 141 14.28 10.02 -22.84
C LEU B 141 15.28 10.17 -23.99
N THR B 142 15.16 9.37 -25.04
CA THR B 142 16.11 9.41 -26.14
C THR B 142 15.49 9.68 -27.50
N THR B 143 14.18 9.49 -27.67
CA THR B 143 13.55 9.66 -28.96
C THR B 143 12.49 10.75 -29.01
N ALA B 144 11.95 11.18 -27.87
CA ALA B 144 10.92 12.21 -27.88
C ALA B 144 11.48 13.55 -28.31
N ALA B 145 10.72 14.29 -29.10
CA ALA B 145 11.12 15.60 -29.58
C ALA B 145 10.56 16.74 -28.75
N LYS B 146 9.47 16.51 -28.02
CA LYS B 146 8.83 17.52 -27.19
C LYS B 146 8.93 17.13 -25.73
N LEU B 147 9.16 18.12 -24.87
CA LEU B 147 9.29 17.91 -23.44
C LEU B 147 8.34 18.85 -22.70
N MET B 148 7.65 18.32 -21.70
CA MET B 148 6.77 19.10 -20.85
C MET B 148 7.30 19.07 -19.43
N VAL B 149 7.39 20.25 -18.81
CA VAL B 149 7.86 20.37 -17.43
C VAL B 149 6.80 21.11 -16.64
N VAL B 150 6.45 20.56 -15.48
CA VAL B 150 5.46 21.16 -14.58
C VAL B 150 6.22 21.76 -13.41
N ILE B 151 6.03 23.05 -13.17
CA ILE B 151 6.75 23.81 -12.17
C ILE B 151 5.78 24.19 -11.06
N PRO B 152 5.98 23.73 -9.82
CA PRO B 152 5.08 24.11 -8.74
C PRO B 152 5.39 25.48 -8.13
N ASP B 153 6.68 25.85 -8.09
CA ASP B 153 7.09 27.06 -7.39
C ASP B 153 8.23 27.71 -8.16
N TYR B 154 8.42 29.01 -7.90
CA TYR B 154 9.41 29.78 -8.64
C TYR B 154 10.83 29.29 -8.38
N ASN B 155 11.10 28.74 -7.20
CA ASN B 155 12.43 28.23 -6.90
C ASN B 155 12.80 27.11 -7.85
N THR B 156 11.87 26.17 -8.08
CA THR B 156 12.13 25.10 -9.03
C THR B 156 12.27 25.63 -10.45
N TYR B 157 11.49 26.65 -10.80
CA TYR B 157 11.62 27.25 -12.13
C TYR B 157 13.01 27.81 -12.34
N LYS B 158 13.51 28.57 -11.37
CA LYS B 158 14.85 29.13 -11.48
C LYS B 158 15.90 28.03 -11.52
N ASN B 159 15.72 26.99 -10.70
CA ASN B 159 16.69 25.90 -10.64
C ASN B 159 16.77 25.14 -11.96
N THR B 160 15.61 24.89 -12.60
CA THR B 160 15.56 24.02 -13.77
C THR B 160 15.65 24.78 -15.10
N CYS B 161 14.70 25.69 -15.35
CA CYS B 161 14.53 26.28 -16.67
C CYS B 161 14.39 27.79 -16.59
N ASP B 162 15.32 28.43 -15.86
CA ASP B 162 15.24 29.87 -15.68
C ASP B 162 15.35 30.62 -17.01
N GLY B 163 16.28 30.21 -17.86
CA GLY B 163 16.45 30.84 -19.16
C GLY B 163 15.50 30.27 -20.20
N THR B 164 15.65 30.76 -21.43
CA THR B 164 14.86 30.25 -22.54
C THR B 164 15.39 28.94 -23.09
N THR B 165 16.62 28.57 -22.74
CA THR B 165 17.22 27.33 -23.17
C THR B 165 17.89 26.67 -21.97
N PHE B 166 17.59 25.38 -21.75
CA PHE B 166 18.13 24.67 -20.61
C PHE B 166 18.60 23.29 -21.05
N THR B 167 19.06 22.49 -20.09
CA THR B 167 19.56 21.15 -20.35
C THR B 167 18.85 20.15 -19.46
N TYR B 168 18.53 18.98 -20.03
CA TYR B 168 17.88 17.91 -19.30
C TYR B 168 18.08 16.62 -20.05
N ALA B 169 18.25 15.52 -19.32
CA ALA B 169 18.44 14.19 -19.90
C ALA B 169 19.61 14.18 -20.88
N SER B 170 20.68 14.91 -20.54
CA SER B 170 21.87 15.04 -21.37
C SER B 170 21.51 15.55 -22.77
N ALA B 171 20.52 16.43 -22.84
CA ALA B 171 20.10 17.01 -24.11
C ALA B 171 19.77 18.47 -23.89
N LEU B 172 19.99 19.28 -24.93
CA LEU B 172 19.78 20.72 -24.85
C LEU B 172 18.38 21.04 -25.38
N TRP B 173 17.49 21.51 -24.51
CA TRP B 173 16.13 21.84 -24.88
C TRP B 173 15.95 23.36 -24.92
N GLU B 174 15.09 23.81 -25.83
CA GLU B 174 14.77 25.22 -25.98
C GLU B 174 13.29 25.44 -25.76
N ILE B 175 12.95 26.40 -24.91
CA ILE B 175 11.56 26.64 -24.55
C ILE B 175 10.80 27.19 -25.75
N GLN B 176 9.62 26.61 -26.02
CA GLN B 176 8.75 27.10 -27.07
C GLN B 176 7.43 27.65 -26.56
N GLN B 177 6.97 27.24 -25.39
CA GLN B 177 5.73 27.81 -24.85
C GLN B 177 5.73 27.67 -23.34
N VAL B 178 5.06 28.61 -22.67
CA VAL B 178 4.81 28.54 -21.24
C VAL B 178 3.36 28.91 -20.99
N VAL B 179 2.66 28.08 -20.22
CA VAL B 179 1.27 28.34 -19.86
C VAL B 179 1.11 28.12 -18.36
N ASP B 180 0.00 28.62 -17.82
CA ASP B 180 -0.31 28.48 -16.41
C ASP B 180 -1.42 27.42 -16.23
N ALA B 181 -1.88 27.28 -14.99
CA ALA B 181 -2.89 26.28 -14.67
C ALA B 181 -4.23 26.54 -15.36
N ASP B 182 -4.44 27.73 -15.90
CA ASP B 182 -5.66 28.06 -16.64
C ASP B 182 -5.48 27.87 -18.14
N SER B 183 -4.36 27.32 -18.57
CA SER B 183 -4.04 27.13 -20.00
C SER B 183 -4.02 28.46 -20.74
N LYS B 184 -3.49 29.49 -20.09
CA LYS B 184 -3.29 30.80 -20.70
C LYS B 184 -1.79 31.03 -20.90
N ILE B 185 -1.43 31.63 -22.02
CA ILE B 185 -0.02 31.79 -22.38
C ILE B 185 0.62 32.79 -21.42
N VAL B 186 1.74 32.40 -20.83
CA VAL B 186 2.50 33.24 -19.92
C VAL B 186 3.87 33.47 -20.55
N GLN B 187 4.23 34.74 -20.71
CA GLN B 187 5.50 35.08 -21.33
C GLN B 187 6.65 34.87 -20.36
N LEU B 188 7.86 34.76 -20.91
CA LEU B 188 9.04 34.52 -20.08
C LEU B 188 9.33 35.70 -19.17
N SER B 189 9.12 36.92 -19.67
CA SER B 189 9.31 38.11 -18.84
C SER B 189 8.27 38.20 -17.74
N GLU B 190 7.07 37.65 -17.99
CA GLU B 190 6.01 37.65 -16.97
C GLU B 190 6.43 36.87 -15.73
N ILE B 191 7.27 35.85 -15.90
CA ILE B 191 7.70 35.02 -14.77
C ILE B 191 8.84 35.74 -14.06
N SER B 192 8.59 36.22 -12.84
CA SER B 192 9.60 36.89 -12.05
C SER B 192 9.21 36.77 -10.58
N MET B 193 10.17 37.08 -9.72
CA MET B 193 9.92 37.02 -8.27
C MET B 193 8.84 38.00 -7.86
N ASP B 194 8.89 39.23 -8.41
CA ASP B 194 7.86 40.22 -8.11
C ASP B 194 6.50 39.78 -8.64
N ASN B 195 6.46 39.21 -9.85
CA ASN B 195 5.21 38.81 -10.48
C ASN B 195 4.77 37.41 -10.10
N SER B 196 5.54 36.70 -9.28
CA SER B 196 5.18 35.33 -8.91
C SER B 196 3.82 35.21 -8.23
N PRO B 197 3.41 36.07 -7.30
CA PRO B 197 2.06 35.93 -6.73
C PRO B 197 0.94 36.12 -7.74
N ASN B 198 1.20 36.80 -8.85
CA ASN B 198 0.17 37.02 -9.87
C ASN B 198 0.02 35.85 -10.83
N LEU B 199 0.92 34.88 -10.79
CA LEU B 199 0.88 33.75 -11.70
C LEU B 199 0.07 32.61 -11.10
N ALA B 200 -0.68 31.92 -11.95
CA ALA B 200 -1.50 30.77 -11.53
C ALA B 200 -0.65 29.52 -11.64
N TRP B 201 0.07 29.19 -10.58
CA TRP B 201 0.87 27.99 -10.55
C TRP B 201 -0.02 26.76 -10.47
N PRO B 202 0.46 25.59 -10.95
CA PRO B 202 1.76 25.30 -11.55
C PRO B 202 1.89 25.78 -13.00
N LEU B 203 3.12 25.92 -13.47
CA LEU B 203 3.40 26.39 -14.82
C LEU B 203 3.85 25.23 -15.69
N ILE B 204 3.19 25.06 -16.84
CA ILE B 204 3.54 24.03 -17.80
C ILE B 204 4.40 24.67 -18.88
N VAL B 205 5.65 24.25 -18.99
CA VAL B 205 6.56 24.77 -20.01
C VAL B 205 6.84 23.65 -21.01
N THR B 206 6.62 23.95 -22.28
CA THR B 206 6.77 23.01 -23.38
C THR B 206 7.96 23.43 -24.22
N ALA B 207 8.92 22.51 -24.39
CA ALA B 207 10.16 22.77 -25.09
C ALA B 207 10.35 21.73 -26.20
N LEU B 208 11.14 22.10 -27.20
CA LEU B 208 11.48 21.21 -28.30
C LEU B 208 12.98 20.94 -28.28
N ARG B 209 13.35 19.71 -28.63
CA ARG B 209 14.75 19.30 -28.62
C ARG B 209 15.57 20.11 -29.61
N ALA B 210 16.81 20.40 -29.24
CA ALA B 210 17.71 21.13 -30.12
C ALA B 210 18.90 20.27 -30.53
N SER C 4 -27.34 25.85 17.74
CA SER C 4 -25.90 26.06 17.63
C SER C 4 -25.56 26.71 16.30
N LYS C 5 -24.81 27.82 16.36
CA LYS C 5 -24.43 28.53 15.15
C LYS C 5 -23.32 27.83 14.37
N MET C 6 -22.54 26.95 15.02
CA MET C 6 -21.49 26.25 14.30
C MET C 6 -22.07 25.40 13.17
N SER C 7 -23.15 24.68 13.46
CA SER C 7 -23.73 23.76 12.47
C SER C 7 -24.29 24.51 11.26
N ASP C 8 -25.09 25.55 11.50
CA ASP C 8 -25.69 26.24 10.36
C ASP C 8 -24.67 27.12 9.64
N VAL C 9 -23.63 27.58 10.34
CA VAL C 9 -22.51 28.22 9.65
C VAL C 9 -21.83 27.24 8.69
N LYS C 10 -21.60 26.01 9.15
CA LYS C 10 -20.99 25.01 8.28
C LYS C 10 -21.90 24.71 7.08
N CYS C 11 -23.20 24.59 7.32
CA CYS C 11 -24.13 24.32 6.22
C CYS C 11 -24.15 25.46 5.21
N THR C 12 -24.17 26.71 5.70
CA THR C 12 -24.14 27.85 4.79
C THR C 12 -22.83 27.91 4.02
N SER C 13 -21.72 27.54 4.65
CA SER C 13 -20.45 27.48 3.93
C SER C 13 -20.49 26.44 2.82
N VAL C 14 -21.10 25.28 3.10
CA VAL C 14 -21.22 24.24 2.08
C VAL C 14 -22.05 24.74 0.90
N VAL C 15 -23.19 25.36 1.18
CA VAL C 15 -24.03 25.84 0.08
C VAL C 15 -23.34 26.99 -0.65
N LEU C 16 -22.55 27.81 0.06
CA LEU C 16 -21.82 28.88 -0.61
C LEU C 16 -20.78 28.33 -1.57
N LEU C 17 -20.02 27.31 -1.14
CA LEU C 17 -19.07 26.72 -2.07
C LEU C 17 -19.76 26.02 -3.23
N SER C 18 -20.93 25.42 -2.98
CA SER C 18 -21.66 24.79 -4.08
C SER C 18 -22.12 25.80 -5.11
N VAL C 19 -22.66 26.95 -4.66
CA VAL C 19 -23.09 27.96 -5.63
C VAL C 19 -21.89 28.61 -6.30
N LEU C 20 -20.77 28.73 -5.60
CA LEU C 20 -19.55 29.23 -6.24
C LEU C 20 -19.13 28.29 -7.36
N GLN C 21 -19.12 26.99 -7.10
CA GLN C 21 -18.78 26.02 -8.13
C GLN C 21 -19.76 26.09 -9.30
N GLN C 22 -21.05 26.27 -9.00
CA GLN C 22 -22.04 26.44 -10.05
C GLN C 22 -21.83 27.73 -10.83
N LEU C 23 -21.15 28.71 -10.25
CA LEU C 23 -20.82 29.95 -10.94
C LEU C 23 -19.54 29.87 -11.75
N ARG C 24 -19.04 28.67 -12.01
CA ARG C 24 -17.85 28.45 -12.85
C ARG C 24 -16.63 29.16 -12.28
N VAL C 25 -16.50 29.18 -10.95
CA VAL C 25 -15.32 29.79 -10.35
C VAL C 25 -14.13 28.85 -10.34
N GLU C 26 -14.37 27.54 -10.51
CA GLU C 26 -13.28 26.57 -10.49
C GLU C 26 -12.40 26.65 -11.73
N SER C 27 -12.78 27.44 -12.73
CA SER C 27 -11.91 27.68 -13.87
C SER C 27 -10.62 28.37 -13.44
N SER C 28 -10.72 29.37 -12.56
CA SER C 28 -9.54 30.03 -12.03
C SER C 28 -8.88 29.17 -10.97
N SER C 29 -7.58 28.94 -11.11
CA SER C 29 -6.88 28.09 -10.15
C SER C 29 -6.77 28.74 -8.79
N LYS C 30 -6.34 30.01 -8.75
CA LYS C 30 -6.08 30.66 -7.46
C LYS C 30 -7.37 30.90 -6.68
N LEU C 31 -8.40 31.41 -7.35
CA LEU C 31 -9.66 31.69 -6.66
C LEU C 31 -10.30 30.41 -6.14
N TRP C 32 -10.32 29.36 -6.97
CA TRP C 32 -10.89 28.09 -6.52
C TRP C 32 -10.08 27.50 -5.38
N ALA C 33 -8.75 27.59 -5.44
CA ALA C 33 -7.92 27.08 -4.36
C ALA C 33 -8.20 27.82 -3.05
N GLN C 34 -8.30 29.14 -3.12
CA GLN C 34 -8.60 29.91 -1.91
C GLN C 34 -9.97 29.55 -1.36
N CYS C 35 -10.97 29.43 -2.23
CA CYS C 35 -12.31 29.09 -1.77
C CYS C 35 -12.34 27.70 -1.15
N VAL C 36 -11.66 26.74 -1.76
CA VAL C 36 -11.63 25.38 -1.23
C VAL C 36 -10.94 25.35 0.14
N GLN C 37 -9.81 26.05 0.27
CA GLN C 37 -9.13 26.08 1.56
C GLN C 37 -10.01 26.72 2.62
N LEU C 38 -10.68 27.82 2.28
CA LEU C 38 -11.56 28.48 3.24
C LEU C 38 -12.69 27.55 3.67
N HIS C 39 -13.32 26.88 2.71
CA HIS C 39 -14.44 26.00 3.02
C HIS C 39 -14.01 24.81 3.88
N ASN C 40 -12.86 24.21 3.55
CA ASN C 40 -12.36 23.09 4.34
C ASN C 40 -11.99 23.54 5.74
N ASP C 41 -11.38 24.72 5.88
CA ASP C 41 -11.04 25.23 7.21
C ASP C 41 -12.30 25.53 8.02
N ILE C 42 -13.34 26.04 7.37
CA ILE C 42 -14.60 26.28 8.06
C ILE C 42 -15.18 24.97 8.56
N LEU C 43 -15.19 23.94 7.71
CA LEU C 43 -15.76 22.66 8.10
C LEU C 43 -14.97 22.02 9.23
N LEU C 44 -13.64 22.13 9.19
CA LEU C 44 -12.79 21.52 10.21
C LEU C 44 -12.58 22.40 11.43
N ALA C 45 -13.10 23.63 11.43
CA ALA C 45 -12.85 24.54 12.54
C ALA C 45 -13.65 24.12 13.77
N LYS C 46 -13.16 24.56 14.94
CA LYS C 46 -13.85 24.36 16.20
C LYS C 46 -14.14 25.66 16.93
N ASP C 47 -13.75 26.80 16.38
CA ASP C 47 -14.04 28.11 16.96
C ASP C 47 -15.14 28.77 16.15
N THR C 48 -16.21 29.19 16.82
CA THR C 48 -17.35 29.78 16.13
C THR C 48 -16.98 31.12 15.50
N THR C 49 -16.23 31.95 16.22
CA THR C 49 -15.84 33.25 15.69
C THR C 49 -14.93 33.11 14.48
N GLU C 50 -13.98 32.17 14.53
CA GLU C 50 -13.12 31.91 13.40
C GLU C 50 -13.93 31.42 12.20
N ALA C 51 -14.94 30.60 12.46
CA ALA C 51 -15.83 30.14 11.40
C ALA C 51 -16.58 31.30 10.75
N PHE C 52 -17.09 32.22 11.57
CA PHE C 52 -17.73 33.41 11.00
C PHE C 52 -16.76 34.23 10.19
N GLU C 53 -15.53 34.41 10.68
CA GLU C 53 -14.56 35.22 9.94
C GLU C 53 -14.25 34.60 8.58
N LYS C 54 -14.01 33.29 8.55
CA LYS C 54 -13.71 32.64 7.27
C LYS C 54 -14.92 32.63 6.36
N MET C 55 -16.13 32.48 6.92
CA MET C 55 -17.32 32.49 6.08
C MET C 55 -17.57 33.87 5.50
N VAL C 56 -17.28 34.93 6.27
CA VAL C 56 -17.37 36.28 5.73
C VAL C 56 -16.35 36.50 4.62
N SER C 57 -15.13 35.96 4.80
CA SER C 57 -14.14 36.06 3.73
C SER C 57 -14.62 35.35 2.47
N LEU C 58 -15.18 34.15 2.61
CA LEU C 58 -15.69 33.41 1.46
C LEU C 58 -16.85 34.16 0.80
N LEU C 59 -17.74 34.73 1.60
CA LEU C 59 -18.86 35.48 1.06
C LEU C 59 -18.40 36.75 0.35
N SER C 60 -17.34 37.39 0.85
CA SER C 60 -16.76 38.52 0.14
C SER C 60 -16.17 38.09 -1.20
N VAL C 61 -15.51 36.94 -1.23
CA VAL C 61 -15.01 36.39 -2.49
C VAL C 61 -16.15 36.17 -3.46
N LEU C 62 -17.27 35.63 -2.97
CA LEU C 62 -18.44 35.45 -3.83
C LEU C 62 -18.99 36.79 -4.31
N LEU C 63 -19.03 37.79 -3.42
CA LEU C 63 -19.61 39.08 -3.76
C LEU C 63 -18.72 39.90 -4.69
N SER C 64 -17.45 39.56 -4.80
CA SER C 64 -16.57 40.28 -5.73
C SER C 64 -17.08 40.17 -7.16
N MET C 65 -17.52 38.99 -7.57
CA MET C 65 -18.07 38.79 -8.90
C MET C 65 -19.59 38.65 -8.85
O5' 7OK E 3 -14.23 -3.24 -9.54
C5' 7OK E 3 -13.52 -4.49 -9.77
C4' 7OK E 3 -12.71 -4.77 -8.49
O4' 7OK E 3 -12.52 -3.66 -7.83
C3' 7OK E 3 -13.58 -5.63 -7.48
O3' 7OK E 3 -13.61 -6.97 -7.80
C2' 7OK E 3 -12.86 -5.34 -6.18
O2' 7OK E 3 -11.67 -6.09 -6.11
C1' 7OK E 3 -12.58 -4.03 -6.25
OAC 7OK E 3 -17.31 0.11 -4.83
C5 7OK E 3 -15.28 -1.48 -6.10
P 7OK E 3 -14.76 -2.36 -10.88
OP1 7OK E 3 -14.97 -3.37 -12.17
N1 7OK E 3 -13.52 -2.99 -5.75
C6 7OK E 3 -14.41 -2.44 -6.58
C4 7OK E 3 -15.18 -1.13 -4.75
N4 7OK E 3 -16.08 -0.13 -4.21
N3 7OK E 3 -14.28 -1.71 -3.97
C2 7OK E 3 -13.45 -2.63 -4.46
O2 7OK E 3 -12.66 -3.14 -3.75
OP2 7OK E 3 -16.19 -1.58 -10.50
ZN ZN F . 15.56 -19.24 -6.32
ZN ZN G . -4.14 -22.73 -11.35
#